data_3LZ6
#
_entry.id   3LZ6
#
_cell.length_a   78.398
_cell.length_b   83.899
_cell.length_c   179.964
_cell.angle_alpha   90.00
_cell.angle_beta   90.00
_cell.angle_gamma   90.00
#
_symmetry.space_group_name_H-M   'P 21 21 21'
#
loop_
_entity.id
_entity.type
_entity.pdbx_description
1 polymer 'Corticosteroid 11-beta-dehydrogenase isozyme 1'
2 non-polymer 'NADP NICOTINAMIDE-ADENINE-DINUCLEOTIDE PHOSPHATE'
3 non-polymer N-adamantan-2-yl-1-ethyl-D-prolinamide
4 water water
#
_entity_poly.entity_id   1
_entity_poly.type   'polypeptide(L)'
_entity_poly.pdbx_seq_one_letter_code
;KFRPEMLQGKKVIVTGASKGIGREIAYHLAKMGAHVVVTARSKEALQKVVARCLELGAASAHYIAGSMEDMTFAEEFVAE
AGNLMGGLDMLILNHVLYNRLTFFHGEIDNVRKSMEVNFHSFVVLSVAAMPMLMQSQGSIAVVSSVAGKITYPLIAPYSA
SKFALDGFFSTLRSEFLVNKVNVSITLCILGLIDTETAIKATSGIYLGPASPKEECALEIIKGTALRQDEMYYVGSRWVP
YLLGNPGRKIMEFLSAAEYNWDN
;
_entity_poly.pdbx_strand_id   A,B,C,D
#
# COMPACT_ATOMS: atom_id res chain seq x y z
N LYS A 1 -7.51 3.95 26.79
CA LYS A 1 -6.25 3.44 27.43
C LYS A 1 -6.58 2.18 28.22
N PHE A 2 -5.71 1.17 28.16
CA PHE A 2 -5.99 -0.05 28.91
C PHE A 2 -5.73 0.16 30.39
N ARG A 3 -6.61 -0.39 31.21
CA ARG A 3 -6.40 -0.53 32.67
C ARG A 3 -6.71 -1.96 33.11
N PRO A 4 -5.86 -2.53 33.97
CA PRO A 4 -6.02 -3.93 34.41
C PRO A 4 -7.34 -4.14 35.17
N GLU A 5 -7.87 -3.03 35.70
CA GLU A 5 -9.22 -2.96 36.28
C GLU A 5 -10.33 -3.42 35.32
N MET A 6 -10.08 -3.37 34.02
CA MET A 6 -11.08 -3.82 33.03
C MET A 6 -11.27 -5.35 33.03
N LEU A 7 -10.38 -6.12 33.65
CA LEU A 7 -10.51 -7.59 33.65
C LEU A 7 -10.90 -8.10 35.05
N GLN A 8 -11.01 -7.18 36.00
CA GLN A 8 -11.28 -7.58 37.40
C GLN A 8 -12.67 -8.09 37.43
N GLY A 9 -12.83 -9.34 37.87
CA GLY A 9 -14.15 -9.92 37.99
C GLY A 9 -14.70 -10.45 36.66
N LYS A 10 -13.95 -10.32 35.56
CA LYS A 10 -14.42 -10.80 34.26
C LYS A 10 -14.20 -12.27 34.16
N LYS A 11 -15.03 -12.92 33.35
CA LYS A 11 -15.08 -14.35 33.25
C LYS A 11 -14.46 -14.79 31.95
N VAL A 12 -13.34 -15.51 32.03
CA VAL A 12 -12.44 -15.68 30.88
C VAL A 12 -12.06 -17.14 30.69
N ILE A 13 -12.25 -17.64 29.47
CA ILE A 13 -11.74 -18.92 29.08
C ILE A 13 -10.40 -18.72 28.37
N VAL A 14 -9.40 -19.56 28.69
CA VAL A 14 -8.11 -19.54 27.97
C VAL A 14 -7.82 -20.94 27.53
N THR A 15 -7.72 -21.15 26.20
CA THR A 15 -7.31 -22.46 25.71
C THR A 15 -5.82 -22.54 25.42
N GLY A 16 -5.32 -23.79 25.28
CA GLY A 16 -3.89 -24.04 25.17
C GLY A 16 -3.11 -23.38 26.29
N ALA A 17 -3.59 -23.60 27.51
CA ALA A 17 -3.15 -22.83 28.68
C ALA A 17 -2.14 -23.58 29.61
N SER A 18 -1.66 -24.72 29.18
CA SER A 18 -0.79 -25.58 30.00
C SER A 18 0.73 -25.21 29.88
N LYS A 19 1.09 -24.40 28.87
CA LYS A 19 2.44 -23.89 28.68
C LYS A 19 2.45 -22.73 27.66
N GLY A 20 3.63 -22.22 27.34
CA GLY A 20 3.71 -21.18 26.36
C GLY A 20 2.94 -19.89 26.64
N ILE A 21 2.39 -19.31 25.56
CA ILE A 21 1.71 -18.05 25.64
C ILE A 21 0.41 -18.15 26.47
N GLY A 22 -0.31 -19.25 26.27
CA GLY A 22 -1.56 -19.51 26.95
C GLY A 22 -1.39 -19.50 28.45
N ARG A 23 -0.37 -20.19 28.94
CA ARG A 23 -0.04 -20.19 30.37
C ARG A 23 0.18 -18.78 30.87
N GLU A 24 0.98 -18.00 30.12
CA GLU A 24 1.29 -16.63 30.51
C GLU A 24 0.03 -15.74 30.50
N ILE A 25 -0.89 -16.04 29.58
CA ILE A 25 -2.14 -15.27 29.49
C ILE A 25 -2.96 -15.51 30.80
N ALA A 26 -3.10 -16.77 31.15
CA ALA A 26 -3.73 -17.17 32.41
C ALA A 26 -3.14 -16.41 33.62
N TYR A 27 -1.81 -16.38 33.74
CA TYR A 27 -1.17 -15.67 34.86
C TYR A 27 -1.49 -14.20 34.91
N HIS A 28 -1.36 -13.56 33.77
CA HIS A 28 -1.71 -12.15 33.70
C HIS A 28 -3.14 -11.87 34.09
N LEU A 29 -4.07 -12.69 33.64
CA LEU A 29 -5.49 -12.52 34.03
C LEU A 29 -5.70 -12.74 35.53
N ALA A 30 -4.99 -13.71 36.09
CA ALA A 30 -5.03 -13.98 37.52
C ALA A 30 -4.63 -12.75 38.29
N LYS A 31 -3.53 -12.17 37.89
CA LYS A 31 -3.05 -10.95 38.56
C LYS A 31 -4.04 -9.81 38.52
N MET A 32 -4.84 -9.75 37.47
CA MET A 32 -5.84 -8.68 37.31
C MET A 32 -7.12 -8.96 38.02
N GLY A 33 -7.25 -10.18 38.59
CA GLY A 33 -8.39 -10.64 39.37
C GLY A 33 -9.56 -11.13 38.55
N ALA A 34 -9.28 -11.67 37.34
CA ALA A 34 -10.30 -12.38 36.62
C ALA A 34 -10.62 -13.76 37.21
N HIS A 35 -11.80 -14.23 36.85
CA HIS A 35 -12.08 -15.62 37.00
C HIS A 35 -11.56 -16.25 35.73
N VAL A 36 -10.88 -17.41 35.82
CA VAL A 36 -10.42 -18.09 34.63
C VAL A 36 -10.80 -19.56 34.67
N VAL A 37 -11.20 -20.09 33.51
CA VAL A 37 -11.18 -21.50 33.27
C VAL A 37 -10.18 -21.82 32.14
N VAL A 38 -9.26 -22.73 32.39
CA VAL A 38 -8.18 -22.99 31.45
C VAL A 38 -8.29 -24.39 30.92
N THR A 39 -7.70 -24.62 29.74
CA THR A 39 -7.77 -25.93 29.16
C THR A 39 -6.63 -26.18 28.24
N ALA A 40 -6.45 -27.49 28.02
CA ALA A 40 -5.45 -28.17 27.26
C ALA A 40 -5.65 -29.66 27.62
N ARG A 41 -4.75 -30.50 27.13
CA ARG A 41 -4.83 -31.91 27.44
C ARG A 41 -4.00 -32.38 28.67
N SER A 42 -2.91 -31.70 29.00
CA SER A 42 -2.05 -32.16 30.09
C SER A 42 -2.68 -31.73 31.44
N LYS A 43 -3.27 -32.70 32.13
CA LYS A 43 -3.93 -32.48 33.43
C LYS A 43 -3.00 -31.87 34.48
N GLU A 44 -1.84 -32.50 34.64
CA GLU A 44 -0.92 -32.12 35.70
C GLU A 44 -0.43 -30.66 35.51
N ALA A 45 -0.07 -30.34 34.27
CA ALA A 45 0.34 -29.00 33.92
C ALA A 45 -0.80 -28.00 34.21
N LEU A 46 -2.05 -28.40 33.96
CA LEU A 46 -3.17 -27.51 34.15
C LEU A 46 -3.41 -27.26 35.65
N GLN A 47 -3.21 -28.28 36.45
CA GLN A 47 -3.40 -28.21 37.90
C GLN A 47 -2.38 -27.23 38.45
N LYS A 48 -1.14 -27.30 37.95
CA LYS A 48 -0.09 -26.34 38.39
C LYS A 48 -0.41 -24.87 38.01
N VAL A 49 -1.01 -24.65 36.84
CA VAL A 49 -1.36 -23.33 36.36
C VAL A 49 -2.49 -22.76 37.24
N VAL A 50 -3.49 -23.58 37.53
CA VAL A 50 -4.65 -23.14 38.33
C VAL A 50 -4.22 -22.66 39.74
N ALA A 51 -3.26 -23.40 40.31
CA ALA A 51 -2.77 -23.16 41.68
C ALA A 51 -2.02 -21.85 41.71
N ARG A 52 -1.19 -21.65 40.69
CA ARG A 52 -0.43 -20.45 40.56
C ARG A 52 -1.38 -19.27 40.28
N CYS A 53 -2.41 -19.45 39.45
CA CYS A 53 -3.41 -18.39 39.26
C CYS A 53 -4.03 -17.95 40.57
N LEU A 54 -4.39 -18.90 41.42
CA LEU A 54 -4.99 -18.59 42.73
C LEU A 54 -3.99 -17.81 43.61
N GLU A 55 -2.76 -18.27 43.61
CA GLU A 55 -1.70 -17.60 44.37
C GLU A 55 -1.51 -16.17 43.91
N LEU A 56 -1.58 -15.96 42.59
CA LEU A 56 -1.43 -14.67 41.97
C LEU A 56 -2.64 -13.73 42.12
N GLY A 57 -3.80 -14.20 42.57
CA GLY A 57 -4.92 -13.32 42.81
C GLY A 57 -6.17 -13.48 41.95
N ALA A 58 -6.34 -14.62 41.27
CA ALA A 58 -7.55 -14.84 40.47
C ALA A 58 -8.75 -14.83 41.40
N ALA A 59 -9.90 -14.30 40.93
CA ALA A 59 -11.17 -14.35 41.65
C ALA A 59 -11.59 -15.82 41.78
N SER A 60 -11.29 -16.59 40.75
CA SER A 60 -11.36 -18.03 40.77
C SER A 60 -10.53 -18.64 39.63
N ALA A 61 -10.24 -19.91 39.77
CA ALA A 61 -9.50 -20.61 38.73
C ALA A 61 -9.85 -22.10 38.68
N HIS A 62 -10.28 -22.58 37.50
CA HIS A 62 -10.54 -24.01 37.28
C HIS A 62 -9.94 -24.47 35.92
N TYR A 63 -9.63 -25.73 35.82
CA TYR A 63 -9.26 -26.34 34.57
C TYR A 63 -10.21 -27.47 34.21
N ILE A 64 -10.36 -27.69 32.90
CA ILE A 64 -10.96 -28.92 32.36
C ILE A 64 -10.00 -29.43 31.27
N ALA A 65 -9.67 -30.73 31.31
CA ALA A 65 -8.71 -31.33 30.39
C ALA A 65 -9.40 -32.14 29.27
N GLY A 66 -8.91 -31.98 28.05
CA GLY A 66 -9.43 -32.70 26.88
C GLY A 66 -8.75 -32.25 25.60
N SER A 67 -9.05 -32.91 24.48
CA SER A 67 -8.39 -32.58 23.19
C SER A 67 -9.37 -31.85 22.30
N MET A 68 -8.95 -30.70 21.80
CA MET A 68 -9.72 -29.95 20.80
C MET A 68 -9.77 -30.58 19.43
N GLU A 69 -9.16 -31.76 19.29
CA GLU A 69 -9.43 -32.64 18.17
C GLU A 69 -10.88 -33.16 18.24
N ASP A 70 -11.42 -33.18 19.44
CA ASP A 70 -12.73 -33.74 19.71
C ASP A 70 -13.80 -32.62 19.81
N MET A 71 -14.61 -32.49 18.77
CA MET A 71 -15.58 -31.37 18.65
C MET A 71 -16.65 -31.46 19.74
N THR A 72 -16.99 -32.66 20.20
CA THR A 72 -17.93 -32.81 21.34
C THR A 72 -17.30 -32.32 22.68
N PHE A 73 -16.02 -32.61 22.88
CA PHE A 73 -15.32 -32.05 24.04
C PHE A 73 -15.38 -30.53 23.97
N ALA A 74 -15.06 -29.93 22.82
CA ALA A 74 -15.05 -28.48 22.69
C ALA A 74 -16.41 -27.89 23.12
N GLU A 75 -17.50 -28.51 22.70
CA GLU A 75 -18.80 -27.93 22.96
C GLU A 75 -19.17 -28.05 24.44
N GLU A 76 -18.86 -29.20 25.00
CA GLU A 76 -19.21 -29.52 26.37
C GLU A 76 -18.35 -28.75 27.34
N PHE A 77 -17.10 -28.55 26.95
CA PHE A 77 -16.15 -27.73 27.65
C PHE A 77 -16.71 -26.33 27.88
N VAL A 78 -17.15 -25.68 26.80
CA VAL A 78 -17.71 -24.33 26.92
C VAL A 78 -18.89 -24.25 27.93
N ALA A 79 -19.82 -25.17 27.82
CA ALA A 79 -20.99 -25.23 28.70
C ALA A 79 -20.51 -25.38 30.17
N GLU A 80 -19.62 -26.33 30.42
CA GLU A 80 -19.12 -26.53 31.82
C GLU A 80 -18.41 -25.27 32.36
N ALA A 81 -17.64 -24.58 31.50
CA ALA A 81 -16.83 -23.45 31.91
C ALA A 81 -17.74 -22.27 32.28
N GLY A 82 -18.80 -22.07 31.48
CA GLY A 82 -19.79 -21.04 31.77
C GLY A 82 -20.55 -21.39 33.07
N ASN A 83 -20.91 -22.65 33.24
CA ASN A 83 -21.48 -23.16 34.48
C ASN A 83 -20.55 -22.90 35.72
N LEU A 84 -19.26 -23.23 35.61
CA LEU A 84 -18.31 -22.91 36.69
C LEU A 84 -18.29 -21.43 37.07
N MET A 85 -18.27 -20.51 36.10
CA MET A 85 -18.15 -19.10 36.40
C MET A 85 -19.48 -18.33 36.42
N GLY A 86 -20.59 -18.94 36.03
CA GLY A 86 -21.88 -18.24 35.96
C GLY A 86 -21.92 -17.24 34.81
N GLY A 87 -21.26 -17.59 33.71
CA GLY A 87 -21.17 -16.71 32.55
C GLY A 87 -19.82 -16.73 31.88
N LEU A 88 -19.71 -15.92 30.82
CA LEU A 88 -18.52 -15.73 30.03
C LEU A 88 -18.48 -14.30 29.43
N ASP A 89 -17.32 -13.67 29.59
CA ASP A 89 -17.00 -12.32 29.11
C ASP A 89 -15.98 -12.30 27.96
N MET A 90 -15.13 -13.31 27.95
CA MET A 90 -14.02 -13.33 27.00
C MET A 90 -13.61 -14.79 26.75
N LEU A 91 -13.51 -15.12 25.45
CA LEU A 91 -13.04 -16.37 24.95
C LEU A 91 -11.68 -16.16 24.26
N ILE A 92 -10.62 -16.68 24.87
CA ILE A 92 -9.29 -16.64 24.29
C ILE A 92 -8.91 -18.00 23.66
N LEU A 93 -8.83 -18.01 22.35
CA LEU A 93 -8.61 -19.21 21.57
C LEU A 93 -7.17 -19.19 21.11
N ASN A 94 -6.35 -19.91 21.85
CA ASN A 94 -4.92 -19.88 21.74
C ASN A 94 -4.25 -21.24 21.35
N HIS A 95 -4.89 -22.38 21.54
CA HIS A 95 -4.28 -23.70 21.29
C HIS A 95 -3.96 -23.89 19.80
N VAL A 96 -3.01 -24.77 19.56
CA VAL A 96 -2.56 -25.15 18.19
C VAL A 96 -1.89 -26.48 18.22
N LEU A 97 -1.92 -27.17 17.07
CA LEU A 97 -1.33 -28.50 16.93
C LEU A 97 0.18 -28.42 16.78
N TYR A 98 0.94 -29.26 17.51
CA TYR A 98 2.41 -29.22 17.31
C TYR A 98 2.76 -29.71 15.91
N ASN A 99 3.65 -28.99 15.26
CA ASN A 99 4.05 -29.28 13.90
C ASN A 99 5.53 -28.97 13.74
N ARG A 100 6.29 -29.92 13.20
CA ARG A 100 7.71 -29.69 12.90
C ARG A 100 7.88 -29.08 11.52
N LEU A 101 9.02 -28.47 11.28
CA LEU A 101 9.29 -27.71 10.09
C LEU A 101 9.99 -28.60 9.08
N THR A 102 9.22 -29.08 8.11
CA THR A 102 9.73 -29.84 7.02
C THR A 102 8.98 -29.41 5.78
N PHE A 103 9.58 -29.72 4.66
CA PHE A 103 8.93 -29.60 3.39
C PHE A 103 7.72 -30.49 3.41
N PHE A 104 6.66 -30.04 2.74
CA PHE A 104 5.51 -30.87 2.62
C PHE A 104 5.85 -32.02 1.64
N HIS A 105 5.43 -33.23 1.99
CA HIS A 105 5.69 -34.42 1.21
C HIS A 105 4.42 -35.29 1.03
N GLY A 106 3.23 -34.69 1.10
CA GLY A 106 2.02 -35.42 0.86
C GLY A 106 1.38 -35.88 2.15
N GLU A 107 1.78 -35.33 3.30
CA GLU A 107 1.16 -35.73 4.56
C GLU A 107 -0.28 -35.19 4.71
N ILE A 108 -1.22 -35.77 3.94
CA ILE A 108 -2.63 -35.41 3.98
C ILE A 108 -3.29 -35.51 5.34
N ASP A 109 -2.99 -36.58 6.09
CA ASP A 109 -3.51 -36.73 7.42
C ASP A 109 -3.11 -35.60 8.31
N ASN A 110 -1.90 -35.08 8.16
CA ASN A 110 -1.54 -33.91 8.97
C ASN A 110 -2.28 -32.59 8.54
N VAL A 111 -2.51 -32.40 7.23
CA VAL A 111 -3.32 -31.26 6.77
C VAL A 111 -4.69 -31.35 7.46
N ARG A 112 -5.27 -32.54 7.55
CA ARG A 112 -6.59 -32.71 8.14
C ARG A 112 -6.60 -32.33 9.60
N LYS A 113 -5.60 -32.81 10.30
CA LYS A 113 -5.64 -32.77 11.75
C LYS A 113 -5.32 -31.35 12.16
N SER A 114 -4.44 -30.71 11.40
CA SER A 114 -4.13 -29.30 11.67
C SER A 114 -5.38 -28.39 11.48
N MET A 115 -6.21 -28.69 10.48
CA MET A 115 -7.45 -27.96 10.27
C MET A 115 -8.45 -28.24 11.39
N GLU A 116 -8.51 -29.49 11.90
CA GLU A 116 -9.46 -29.83 12.98
C GLU A 116 -9.11 -29.07 14.20
N VAL A 117 -7.86 -29.22 14.64
CA VAL A 117 -7.37 -28.63 15.90
C VAL A 117 -7.27 -27.10 15.85
N ASN A 118 -6.66 -26.58 14.79
CA ASN A 118 -6.37 -25.14 14.75
C ASN A 118 -7.52 -24.26 14.29
N PHE A 119 -8.48 -24.81 13.55
CA PHE A 119 -9.59 -24.05 12.90
C PHE A 119 -10.98 -24.53 13.33
N HIS A 120 -11.36 -25.75 12.99
CA HIS A 120 -12.72 -26.20 13.31
C HIS A 120 -13.04 -26.11 14.79
N SER A 121 -12.09 -26.41 15.68
CA SER A 121 -12.41 -26.28 17.11
C SER A 121 -12.69 -24.85 17.50
N PHE A 122 -11.96 -23.91 16.88
CA PHE A 122 -12.11 -22.52 17.19
C PHE A 122 -13.55 -22.06 16.80
N VAL A 123 -14.05 -22.53 15.65
CA VAL A 123 -15.43 -22.22 15.24
C VAL A 123 -16.45 -22.87 16.21
N VAL A 124 -16.19 -24.09 16.64
CA VAL A 124 -17.16 -24.77 17.45
C VAL A 124 -17.20 -24.14 18.83
N LEU A 125 -16.02 -23.89 19.40
CA LEU A 125 -15.93 -23.14 20.67
C LEU A 125 -16.68 -21.84 20.61
N SER A 126 -16.46 -21.04 19.55
CA SER A 126 -17.12 -19.77 19.43
C SER A 126 -18.63 -19.87 19.35
N VAL A 127 -19.09 -20.83 18.57
CA VAL A 127 -20.52 -21.12 18.43
C VAL A 127 -21.18 -21.47 19.82
N ALA A 128 -20.52 -22.34 20.56
CA ALA A 128 -20.97 -22.69 21.93
C ALA A 128 -20.99 -21.52 22.88
N ALA A 129 -20.02 -20.62 22.74
CA ALA A 129 -19.90 -19.48 23.64
C ALA A 129 -20.83 -18.38 23.27
N MET A 130 -21.41 -18.40 22.07
CA MET A 130 -21.97 -17.20 21.55
C MET A 130 -23.16 -16.60 22.35
N PRO A 131 -24.13 -17.40 22.72
CA PRO A 131 -25.22 -16.92 23.60
C PRO A 131 -24.69 -16.19 24.86
N MET A 132 -23.77 -16.81 25.58
CA MET A 132 -23.16 -16.16 26.75
C MET A 132 -22.46 -14.84 26.45
N LEU A 133 -21.71 -14.83 25.33
CA LEU A 133 -21.00 -13.68 24.85
C LEU A 133 -21.94 -12.57 24.41
N MET A 134 -23.05 -12.91 23.75
CA MET A 134 -24.04 -11.88 23.42
C MET A 134 -24.66 -11.29 24.73
N GLN A 135 -24.92 -12.15 25.71
CA GLN A 135 -25.52 -11.69 26.98
C GLN A 135 -24.56 -10.70 27.65
N SER A 136 -23.25 -10.95 27.60
CA SER A 136 -22.27 -10.07 28.27
C SER A 136 -21.67 -8.96 27.41
N GLN A 137 -22.07 -8.88 26.13
CA GLN A 137 -21.41 -8.01 25.16
C GLN A 137 -19.87 -8.18 25.22
N GLY A 138 -19.45 -9.42 25.13
CA GLY A 138 -18.08 -9.82 25.40
C GLY A 138 -17.20 -9.83 24.15
N SER A 139 -16.14 -10.64 24.21
CA SER A 139 -15.05 -10.62 23.24
C SER A 139 -14.43 -12.00 23.00
N ILE A 140 -13.96 -12.21 21.77
CA ILE A 140 -13.15 -13.34 21.37
C ILE A 140 -11.78 -12.83 20.90
N ALA A 141 -10.73 -13.47 21.41
CA ALA A 141 -9.40 -13.40 20.84
C ALA A 141 -9.11 -14.65 20.04
N VAL A 142 -8.75 -14.45 18.77
CA VAL A 142 -8.39 -15.54 17.88
C VAL A 142 -6.90 -15.45 17.69
N VAL A 143 -6.18 -16.38 18.28
CA VAL A 143 -4.73 -16.27 18.20
C VAL A 143 -4.19 -16.90 16.91
N SER A 144 -3.54 -16.06 16.12
CA SER A 144 -3.00 -16.46 14.85
C SER A 144 -1.52 -16.01 14.77
N SER A 145 -1.02 -15.73 13.58
CA SER A 145 0.41 -15.65 13.31
C SER A 145 0.66 -14.77 12.07
N VAL A 146 1.88 -14.26 11.92
CA VAL A 146 2.31 -13.63 10.68
C VAL A 146 2.08 -14.68 9.54
N ALA A 147 2.19 -15.95 9.86
CA ALA A 147 1.97 -17.05 8.93
C ALA A 147 0.48 -17.30 8.60
N GLY A 148 -0.41 -16.51 9.20
CA GLY A 148 -1.83 -16.42 8.86
C GLY A 148 -2.08 -15.18 8.02
N LYS A 149 -1.02 -14.51 7.59
CA LYS A 149 -1.14 -13.31 6.71
C LYS A 149 -0.26 -13.42 5.49
N ILE A 150 0.86 -14.13 5.63
CA ILE A 150 1.82 -14.41 4.52
C ILE A 150 2.21 -15.86 4.66
N THR A 151 2.93 -16.41 3.68
CA THR A 151 3.36 -17.80 3.75
C THR A 151 4.85 -17.91 4.09
N TYR A 152 5.18 -19.00 4.75
CA TYR A 152 6.54 -19.38 5.10
C TYR A 152 6.79 -20.81 4.67
N PRO A 153 7.91 -21.05 3.99
CA PRO A 153 8.34 -22.44 3.80
C PRO A 153 8.33 -23.30 5.07
N LEU A 154 7.86 -24.54 4.92
CA LEU A 154 8.01 -25.66 5.85
C LEU A 154 6.79 -25.83 6.83
N ILE A 155 5.78 -24.96 6.70
CA ILE A 155 4.64 -24.99 7.61
C ILE A 155 3.29 -24.86 6.89
N ALA A 156 3.23 -25.45 5.70
CA ALA A 156 2.05 -25.29 4.89
C ALA A 156 0.73 -25.70 5.62
N PRO A 157 0.65 -26.86 6.30
CA PRO A 157 -0.57 -27.27 6.95
C PRO A 157 -0.98 -26.24 8.00
N TYR A 158 -0.01 -25.72 8.73
CA TYR A 158 -0.30 -24.73 9.75
C TYR A 158 -0.79 -23.39 9.23
N SER A 159 -0.12 -22.92 8.22
CA SER A 159 -0.51 -21.70 7.55
C SER A 159 -1.89 -21.80 6.94
N ALA A 160 -2.24 -22.96 6.35
CA ALA A 160 -3.53 -23.09 5.72
C ALA A 160 -4.60 -22.82 6.81
N SER A 161 -4.48 -23.51 7.94
CA SER A 161 -5.40 -23.35 9.08
C SER A 161 -5.42 -21.91 9.63
N LYS A 162 -4.30 -21.19 9.72
CA LYS A 162 -4.34 -19.80 10.21
C LYS A 162 -5.00 -18.82 9.22
N PHE A 163 -4.72 -19.02 7.92
CA PHE A 163 -5.45 -18.29 6.89
C PHE A 163 -6.99 -18.52 7.03
N ALA A 164 -7.44 -19.77 7.23
CA ALA A 164 -8.86 -20.04 7.34
C ALA A 164 -9.39 -19.20 8.47
N LEU A 165 -8.64 -19.09 9.55
CA LEU A 165 -9.13 -18.32 10.72
C LEU A 165 -9.44 -16.86 10.38
N ASP A 166 -8.60 -16.23 9.57
CA ASP A 166 -8.80 -14.84 9.16
C ASP A 166 -10.08 -14.78 8.27
N GLY A 167 -10.18 -15.69 7.29
CA GLY A 167 -11.35 -15.59 6.41
C GLY A 167 -12.67 -15.76 7.15
N PHE A 168 -12.71 -16.73 8.07
CA PHE A 168 -13.89 -16.96 8.81
C PHE A 168 -14.17 -15.85 9.79
N PHE A 169 -13.26 -15.61 10.74
CA PHE A 169 -13.56 -14.64 11.82
C PHE A 169 -13.66 -13.19 11.40
N SER A 170 -12.95 -12.81 10.36
CA SER A 170 -13.12 -11.48 9.81
C SER A 170 -14.48 -11.27 9.08
N THR A 171 -15.03 -12.31 8.45
CA THR A 171 -16.34 -12.21 7.89
C THR A 171 -17.33 -12.10 9.04
N LEU A 172 -17.15 -12.94 10.06
CA LEU A 172 -18.08 -12.89 11.20
C LEU A 172 -18.10 -11.51 11.85
N ARG A 173 -16.93 -10.90 12.06
CA ARG A 173 -16.90 -9.54 12.59
C ARG A 173 -17.73 -8.56 11.73
N SER A 174 -17.53 -8.63 10.42
CA SER A 174 -18.25 -7.76 9.49
C SER A 174 -19.74 -7.92 9.66
N GLU A 175 -20.19 -9.16 9.81
CA GLU A 175 -21.62 -9.44 9.99
C GLU A 175 -22.15 -8.90 11.34
N PHE A 176 -21.36 -9.10 12.40
CA PHE A 176 -21.69 -8.52 13.70
C PHE A 176 -21.71 -6.98 13.68
N LEU A 177 -20.81 -6.26 13.03
CA LEU A 177 -20.89 -4.78 12.97
C LEU A 177 -22.25 -4.34 12.30
N VAL A 178 -22.53 -4.94 11.16
CA VAL A 178 -23.70 -4.61 10.35
C VAL A 178 -25.02 -4.87 11.11
N ASN A 179 -25.03 -5.95 11.89
CA ASN A 179 -26.19 -6.35 12.68
C ASN A 179 -26.19 -5.86 14.10
N LYS A 180 -25.28 -4.94 14.44
CA LYS A 180 -25.22 -4.32 15.79
C LYS A 180 -25.15 -5.36 16.91
N VAL A 181 -24.43 -6.45 16.63
CA VAL A 181 -24.12 -7.44 17.64
C VAL A 181 -22.84 -7.01 18.37
N ASN A 182 -22.93 -6.73 19.67
CA ASN A 182 -21.79 -6.16 20.34
C ASN A 182 -20.95 -7.24 21.04
N VAL A 183 -20.39 -8.12 20.20
CA VAL A 183 -19.35 -9.10 20.58
C VAL A 183 -18.14 -8.80 19.68
N SER A 184 -17.07 -8.37 20.31
CA SER A 184 -15.89 -8.02 19.56
C SER A 184 -15.05 -9.23 19.24
N ILE A 185 -14.36 -9.14 18.12
CA ILE A 185 -13.47 -10.20 17.64
C ILE A 185 -12.12 -9.68 17.24
N THR A 186 -11.10 -10.10 17.97
CA THR A 186 -9.72 -9.60 17.83
C THR A 186 -8.80 -10.69 17.28
N LEU A 187 -8.34 -10.49 16.04
CA LEU A 187 -7.40 -11.37 15.44
C LEU A 187 -5.98 -10.97 15.86
N CYS A 188 -5.28 -11.84 16.56
CA CYS A 188 -3.98 -11.51 17.08
C CYS A 188 -2.95 -12.09 16.12
N ILE A 189 -2.11 -11.23 15.58
CA ILE A 189 -1.08 -11.62 14.63
C ILE A 189 0.26 -11.58 15.31
N LEU A 190 0.80 -12.76 15.66
CA LEU A 190 2.03 -12.85 16.44
C LEU A 190 3.22 -13.17 15.51
N GLY A 191 4.35 -12.46 15.68
CA GLY A 191 5.61 -12.88 15.07
C GLY A 191 6.19 -14.00 15.93
N LEU A 192 7.48 -14.34 15.73
CA LEU A 192 8.12 -15.42 16.52
C LEU A 192 8.20 -15.07 18.00
N ILE A 193 7.68 -15.95 18.87
CA ILE A 193 7.72 -15.76 20.34
C ILE A 193 8.63 -16.76 21.04
N ASP A 194 9.32 -16.37 22.13
CA ASP A 194 10.31 -17.34 22.70
C ASP A 194 9.76 -18.44 23.60
N THR A 195 8.66 -19.09 23.16
CA THR A 195 8.11 -20.23 23.88
C THR A 195 9.08 -21.39 23.64
N GLU A 196 9.05 -22.38 24.52
CA GLU A 196 9.94 -23.53 24.37
C GLU A 196 9.64 -24.23 23.06
N THR A 197 8.35 -24.38 22.74
CA THR A 197 8.02 -25.02 21.49
C THR A 197 8.63 -24.33 20.24
N ALA A 198 8.53 -23.00 20.18
CA ALA A 198 9.12 -22.29 19.05
C ALA A 198 10.67 -22.34 19.00
N ILE A 199 11.30 -22.32 20.15
CA ILE A 199 12.77 -22.29 20.20
C ILE A 199 13.31 -23.64 19.67
N LYS A 200 12.76 -24.71 20.19
CA LYS A 200 13.09 -26.06 19.75
C LYS A 200 12.82 -26.25 18.27
N ALA A 201 11.61 -25.91 17.84
CA ALA A 201 11.16 -26.09 16.47
C ALA A 201 11.94 -25.26 15.47
N THR A 202 12.37 -24.04 15.82
CA THR A 202 13.11 -23.28 14.81
C THR A 202 14.65 -23.49 14.86
N SER A 203 15.15 -24.10 15.94
CA SER A 203 16.63 -24.23 16.18
C SER A 203 17.40 -24.73 14.94
N GLY A 204 18.37 -23.97 14.44
CA GLY A 204 19.12 -24.28 13.22
C GLY A 204 18.33 -24.36 11.93
N ILE A 205 17.10 -23.82 11.91
CA ILE A 205 16.22 -23.87 10.72
C ILE A 205 15.79 -22.42 10.36
N TYR A 206 15.17 -21.75 11.31
CA TYR A 206 14.67 -20.39 11.17
C TYR A 206 15.29 -19.56 12.28
N LEU A 207 15.99 -18.50 11.87
CA LEU A 207 16.93 -17.77 12.69
C LEU A 207 16.52 -16.32 12.95
N GLY A 208 15.23 -15.98 12.75
CA GLY A 208 14.81 -14.62 12.99
C GLY A 208 14.73 -14.47 14.47
N PRO A 209 14.76 -13.22 14.95
CA PRO A 209 14.71 -12.93 16.39
C PRO A 209 13.31 -13.13 16.99
N ALA A 210 13.24 -13.51 18.27
CA ALA A 210 11.98 -13.87 18.97
C ALA A 210 11.64 -12.84 20.02
N SER A 211 10.37 -12.49 20.14
CA SER A 211 9.88 -11.58 21.19
C SER A 211 9.49 -12.36 22.46
N PRO A 212 9.53 -11.71 23.64
CA PRO A 212 9.24 -12.37 24.92
C PRO A 212 7.75 -12.77 25.12
N LYS A 213 7.54 -14.01 25.57
CA LYS A 213 6.19 -14.56 25.70
C LYS A 213 5.33 -13.79 26.71
N GLU A 214 5.96 -13.23 27.74
CA GLU A 214 5.24 -12.61 28.84
C GLU A 214 4.51 -11.35 28.36
N GLU A 215 5.25 -10.50 27.64
CA GLU A 215 4.69 -9.31 27.03
C GLU A 215 3.64 -9.64 25.92
N CYS A 216 3.96 -10.61 25.07
CA CYS A 216 3.04 -11.13 24.04
C CYS A 216 1.68 -11.48 24.63
N ALA A 217 1.70 -12.22 25.72
CA ALA A 217 0.46 -12.59 26.41
C ALA A 217 -0.31 -11.37 26.86
N LEU A 218 0.37 -10.42 27.48
CA LEU A 218 -0.24 -9.16 27.93
C LEU A 218 -0.85 -8.36 26.78
N GLU A 219 -0.18 -8.36 25.65
CA GLU A 219 -0.64 -7.60 24.50
C GLU A 219 -1.88 -8.23 23.91
N ILE A 220 -2.01 -9.54 23.95
CA ILE A 220 -3.22 -10.23 23.50
C ILE A 220 -4.39 -9.78 24.38
N ILE A 221 -4.15 -9.78 25.69
CA ILE A 221 -5.20 -9.38 26.64
C ILE A 221 -5.60 -7.94 26.38
N LYS A 222 -4.65 -7.02 26.28
CA LYS A 222 -4.98 -5.59 26.16
C LYS A 222 -5.77 -5.33 24.85
N GLY A 223 -5.28 -5.91 23.74
CA GLY A 223 -5.91 -5.65 22.45
C GLY A 223 -7.33 -6.18 22.42
N THR A 224 -7.55 -7.33 23.03
CA THR A 224 -8.85 -7.94 23.07
C THR A 224 -9.80 -7.17 23.96
N ALA A 225 -9.29 -6.75 25.12
CA ALA A 225 -10.07 -5.95 26.07
C ALA A 225 -10.42 -4.60 25.48
N LEU A 226 -9.49 -3.99 24.72
CA LEU A 226 -9.80 -2.74 24.04
C LEU A 226 -10.71 -2.92 22.79
N ARG A 227 -11.04 -4.16 22.45
CA ARG A 227 -11.97 -4.49 21.42
C ARG A 227 -11.42 -4.11 20.06
N GLN A 228 -10.12 -4.31 19.81
CA GLN A 228 -9.52 -4.02 18.52
C GLN A 228 -9.86 -5.11 17.48
N ASP A 229 -9.97 -4.73 16.22
CA ASP A 229 -10.18 -5.73 15.17
C ASP A 229 -8.94 -6.63 15.12
N GLU A 230 -7.76 -6.02 15.19
CA GLU A 230 -6.53 -6.78 15.08
C GLU A 230 -5.48 -6.27 16.07
N MET A 231 -4.59 -7.17 16.49
CA MET A 231 -3.55 -6.83 17.45
C MET A 231 -2.27 -7.46 16.91
N TYR A 232 -1.29 -6.64 16.52
CA TYR A 232 -0.02 -7.11 16.00
C TYR A 232 1.04 -7.08 17.10
N TYR A 233 1.69 -8.24 17.32
CA TYR A 233 2.87 -8.35 18.18
C TYR A 233 3.96 -9.11 17.43
N VAL A 234 4.74 -8.37 16.67
CA VAL A 234 5.73 -8.93 15.73
C VAL A 234 7.11 -8.37 15.87
N GLY A 235 7.37 -7.60 16.92
CA GLY A 235 8.71 -7.14 17.18
C GLY A 235 9.15 -6.01 16.27
N SER A 236 8.21 -5.33 15.65
CA SER A 236 8.51 -4.20 14.78
C SER A 236 7.38 -3.24 14.83
N ARG A 237 7.70 -1.94 14.85
CA ARG A 237 6.73 -0.85 14.81
C ARG A 237 6.14 -0.72 13.39
N TRP A 238 6.90 -1.15 12.39
CA TRP A 238 6.55 -0.88 10.97
C TRP A 238 5.89 -2.09 10.28
N VAL A 239 6.31 -3.26 10.69
CA VAL A 239 5.87 -4.49 10.00
C VAL A 239 4.35 -4.69 10.00
N PRO A 240 3.65 -4.31 11.07
CA PRO A 240 2.20 -4.46 11.05
C PRO A 240 1.53 -3.83 9.82
N TYR A 241 2.16 -2.80 9.27
CA TYR A 241 1.60 -2.10 8.10
C TYR A 241 1.89 -2.76 6.80
N LEU A 242 2.96 -3.53 6.72
CA LEU A 242 3.14 -4.39 5.57
C LEU A 242 2.35 -5.69 5.64
N LEU A 243 1.61 -5.93 6.74
CA LEU A 243 0.85 -7.17 6.95
C LEU A 243 -0.66 -7.02 6.90
N GLY A 244 -1.12 -5.85 7.33
CA GLY A 244 -2.51 -5.46 7.46
C GLY A 244 -3.15 -4.95 6.20
N ASN A 245 -2.37 -4.84 5.13
CA ASN A 245 -2.91 -4.89 3.79
C ASN A 245 -3.98 -3.80 3.49
N PRO A 246 -3.50 -2.59 3.27
CA PRO A 246 -4.37 -1.45 2.94
C PRO A 246 -5.26 -1.68 1.69
N GLY A 247 -4.72 -2.43 0.73
CA GLY A 247 -5.48 -2.84 -0.43
C GLY A 247 -6.76 -3.59 -0.09
N ARG A 248 -6.66 -4.57 0.81
CA ARG A 248 -7.82 -5.25 1.32
C ARG A 248 -8.80 -4.31 2.01
N LYS A 249 -8.29 -3.42 2.85
CA LYS A 249 -9.15 -2.52 3.60
C LYS A 249 -9.93 -1.65 2.62
N ILE A 250 -9.25 -1.14 1.61
CA ILE A 250 -9.91 -0.33 0.59
C ILE A 250 -11.02 -1.12 -0.13
N MET A 251 -10.68 -2.33 -0.60
CA MET A 251 -11.66 -3.18 -1.28
C MET A 251 -12.84 -3.56 -0.48
N GLU A 252 -12.64 -3.86 0.81
CA GLU A 252 -13.77 -4.22 1.66
C GLU A 252 -14.66 -3.03 1.85
N PHE A 253 -14.06 -1.85 2.02
CA PHE A 253 -14.83 -0.59 2.17
C PHE A 253 -15.71 -0.34 0.93
N LEU A 254 -15.11 -0.43 -0.25
CA LEU A 254 -15.81 -0.08 -1.45
C LEU A 254 -16.88 -1.11 -1.75
N SER A 255 -16.62 -2.38 -1.45
CA SER A 255 -17.58 -3.45 -1.76
C SER A 255 -18.85 -3.40 -0.92
N ALA A 256 -18.79 -2.70 0.21
CA ALA A 256 -19.90 -2.74 1.12
C ALA A 256 -21.08 -2.02 0.48
N ALA A 257 -20.79 -0.99 -0.32
CA ALA A 257 -21.83 -0.30 -1.09
C ALA A 257 -22.45 -1.17 -2.23
N GLU A 258 -21.82 -2.29 -2.57
CA GLU A 258 -22.38 -3.17 -3.62
C GLU A 258 -23.50 -4.08 -3.10
N TYR A 259 -23.70 -4.11 -1.78
CA TYR A 259 -24.80 -4.82 -1.17
C TYR A 259 -26.08 -3.99 -1.15
N ASN A 260 -27.22 -4.66 -1.13
CA ASN A 260 -28.56 -4.03 -1.14
C ASN A 260 -29.03 -4.06 0.28
N TRP A 261 -28.49 -3.17 1.10
CA TRP A 261 -28.62 -3.32 2.57
C TRP A 261 -30.10 -3.27 3.05
N ASP A 262 -30.91 -2.47 2.35
CA ASP A 262 -32.35 -2.37 2.65
C ASP A 262 -32.96 -3.74 2.61
N ASN A 263 -32.67 -4.48 1.57
CA ASN A 263 -33.09 -5.88 1.50
C ASN A 263 -32.39 -6.77 2.54
N LYS B 1 3.84 -14.74 -24.15
CA LYS B 1 2.65 -14.64 -25.09
C LYS B 1 1.97 -16.01 -25.26
N PHE B 2 0.74 -16.16 -24.81
CA PHE B 2 0.01 -17.44 -24.97
C PHE B 2 -0.31 -17.75 -26.44
N ARG B 3 -0.22 -19.02 -26.83
CA ARG B 3 -0.74 -19.52 -28.12
C ARG B 3 -1.53 -20.79 -27.85
N PRO B 4 -2.68 -21.00 -28.50
CA PRO B 4 -3.56 -22.13 -28.18
C PRO B 4 -2.97 -23.51 -28.46
N GLU B 5 -1.95 -23.57 -29.32
CA GLU B 5 -1.30 -24.83 -29.61
C GLU B 5 -0.50 -25.36 -28.41
N MET B 6 -0.11 -24.45 -27.52
CA MET B 6 0.42 -24.84 -26.21
C MET B 6 -0.35 -25.99 -25.57
N LEU B 7 -1.63 -26.16 -25.86
CA LEU B 7 -2.44 -27.22 -25.22
C LEU B 7 -2.89 -28.40 -26.09
N GLN B 8 -2.55 -28.34 -27.37
CA GLN B 8 -2.80 -29.43 -28.33
C GLN B 8 -2.11 -30.69 -27.84
N GLY B 9 -2.89 -31.75 -27.64
CA GLY B 9 -2.41 -33.05 -27.18
C GLY B 9 -2.00 -33.12 -25.69
N LYS B 10 -2.14 -32.00 -24.97
CA LYS B 10 -1.90 -31.99 -23.51
C LYS B 10 -3.03 -32.73 -22.83
N LYS B 11 -2.74 -33.30 -21.66
CA LYS B 11 -3.67 -34.09 -20.90
C LYS B 11 -4.19 -33.35 -19.62
N VAL B 12 -5.47 -33.02 -19.60
CA VAL B 12 -6.00 -32.09 -18.60
C VAL B 12 -7.19 -32.67 -17.81
N ILE B 13 -7.12 -32.58 -16.47
CA ILE B 13 -8.27 -32.88 -15.62
C ILE B 13 -9.02 -31.54 -15.36
N VAL B 14 -10.35 -31.49 -15.51
CA VAL B 14 -11.15 -30.35 -15.08
C VAL B 14 -12.17 -30.88 -14.08
N THR B 15 -12.08 -30.46 -12.82
CA THR B 15 -13.17 -30.69 -11.84
C THR B 15 -14.24 -29.61 -11.89
N GLY B 16 -15.39 -29.93 -11.31
CA GLY B 16 -16.59 -29.11 -11.43
C GLY B 16 -16.91 -28.72 -12.86
N ALA B 17 -16.89 -29.71 -13.75
CA ALA B 17 -16.92 -29.42 -15.20
C ALA B 17 -18.27 -29.68 -15.86
N SER B 18 -19.30 -29.88 -15.05
CA SER B 18 -20.61 -30.21 -15.55
C SER B 18 -21.42 -28.97 -15.90
N LYS B 19 -21.02 -27.82 -15.36
CA LYS B 19 -21.69 -26.56 -15.63
C LYS B 19 -20.81 -25.37 -15.30
N GLY B 20 -21.31 -24.16 -15.48
CA GLY B 20 -20.51 -23.00 -15.09
C GLY B 20 -19.17 -22.84 -15.78
N ILE B 21 -18.20 -22.29 -15.03
CA ILE B 21 -16.89 -22.02 -15.51
C ILE B 21 -16.23 -23.34 -15.92
N GLY B 22 -16.38 -24.39 -15.12
CA GLY B 22 -15.64 -25.64 -15.37
C GLY B 22 -16.00 -26.23 -16.77
N ARG B 23 -17.29 -26.17 -17.09
CA ARG B 23 -17.80 -26.56 -18.41
C ARG B 23 -17.16 -25.70 -19.52
N GLU B 24 -17.14 -24.38 -19.38
CA GLU B 24 -16.50 -23.51 -20.34
C GLU B 24 -14.99 -23.81 -20.47
N ILE B 25 -14.32 -24.20 -19.36
CA ILE B 25 -12.90 -24.55 -19.43
C ILE B 25 -12.75 -25.84 -20.29
N ALA B 26 -13.57 -26.85 -20.03
CA ALA B 26 -13.55 -28.10 -20.80
C ALA B 26 -13.73 -27.79 -22.29
N TYR B 27 -14.77 -27.05 -22.62
CA TYR B 27 -15.00 -26.64 -24.01
C TYR B 27 -13.80 -25.92 -24.69
N HIS B 28 -13.09 -25.08 -23.97
CA HIS B 28 -12.01 -24.32 -24.57
C HIS B 28 -10.80 -25.24 -24.83
N LEU B 29 -10.55 -26.14 -23.89
CA LEU B 29 -9.50 -27.12 -24.04
C LEU B 29 -9.81 -27.97 -25.26
N ALA B 30 -11.08 -28.29 -25.45
CA ALA B 30 -11.47 -29.18 -26.54
C ALA B 30 -11.12 -28.52 -27.89
N LYS B 31 -11.44 -27.25 -27.98
CA LYS B 31 -11.20 -26.43 -29.15
C LYS B 31 -9.72 -26.37 -29.46
N MET B 32 -8.88 -26.47 -28.42
CA MET B 32 -7.42 -26.35 -28.58
C MET B 32 -6.78 -27.71 -28.86
N GLY B 33 -7.55 -28.78 -28.83
CA GLY B 33 -7.04 -30.09 -29.19
C GLY B 33 -6.51 -30.90 -28.04
N ALA B 34 -6.91 -30.56 -26.81
CA ALA B 34 -6.40 -31.25 -25.63
C ALA B 34 -7.18 -32.53 -25.42
N HIS B 35 -6.58 -33.37 -24.60
CA HIS B 35 -7.20 -34.55 -24.01
C HIS B 35 -7.79 -34.02 -22.69
N VAL B 36 -9.07 -34.31 -22.45
CA VAL B 36 -9.71 -33.93 -21.17
C VAL B 36 -10.38 -35.08 -20.43
N VAL B 37 -10.24 -35.10 -19.09
CA VAL B 37 -11.15 -35.87 -18.25
C VAL B 37 -11.89 -34.93 -17.31
N VAL B 38 -13.20 -34.97 -17.37
CA VAL B 38 -14.06 -34.13 -16.56
C VAL B 38 -14.81 -34.87 -15.45
N THR B 39 -14.99 -34.18 -14.33
CA THR B 39 -15.71 -34.72 -13.20
C THR B 39 -16.64 -33.68 -12.52
N ALA B 40 -17.69 -34.23 -11.92
CA ALA B 40 -18.69 -33.62 -11.05
C ALA B 40 -19.54 -34.81 -10.54
N ARG B 41 -20.61 -34.56 -9.80
CA ARG B 41 -21.39 -35.70 -9.33
C ARG B 41 -22.42 -36.15 -10.40
N SER B 42 -22.88 -35.20 -11.20
CA SER B 42 -24.01 -35.41 -12.14
C SER B 42 -23.58 -36.18 -13.43
N LYS B 43 -23.79 -37.47 -13.43
CA LYS B 43 -23.54 -38.31 -14.60
C LYS B 43 -24.12 -37.74 -15.92
N GLU B 44 -25.38 -37.35 -15.90
CA GLU B 44 -26.03 -36.99 -17.15
C GLU B 44 -25.53 -35.68 -17.75
N ALA B 45 -25.11 -34.75 -16.88
CA ALA B 45 -24.56 -33.48 -17.34
C ALA B 45 -23.16 -33.66 -17.88
N LEU B 46 -22.41 -34.56 -17.28
CA LEU B 46 -21.03 -34.84 -17.70
C LEU B 46 -21.02 -35.56 -19.04
N GLN B 47 -22.04 -36.39 -19.28
CA GLN B 47 -22.17 -37.05 -20.58
C GLN B 47 -22.28 -36.01 -21.70
N LYS B 48 -23.11 -34.98 -21.51
CA LYS B 48 -23.33 -33.91 -22.49
C LYS B 48 -22.06 -33.12 -22.74
N VAL B 49 -21.26 -32.87 -21.69
CA VAL B 49 -20.05 -32.09 -21.85
C VAL B 49 -19.10 -32.91 -22.68
N VAL B 50 -19.01 -34.21 -22.40
CA VAL B 50 -18.07 -35.07 -23.12
C VAL B 50 -18.40 -35.13 -24.64
N ALA B 51 -19.64 -35.39 -24.98
CA ALA B 51 -20.08 -35.40 -26.38
C ALA B 51 -19.75 -34.05 -27.05
N ARG B 52 -19.94 -32.94 -26.35
CA ARG B 52 -19.75 -31.63 -26.97
C ARG B 52 -18.27 -31.35 -27.16
N CYS B 53 -17.44 -31.65 -26.15
CA CYS B 53 -15.99 -31.61 -26.30
C CYS B 53 -15.53 -32.40 -27.51
N LEU B 54 -16.12 -33.56 -27.76
CA LEU B 54 -15.66 -34.34 -28.93
C LEU B 54 -16.01 -33.59 -30.22
N GLU B 55 -17.22 -33.07 -30.30
CA GLU B 55 -17.63 -32.22 -31.43
C GLU B 55 -16.70 -31.03 -31.66
N LEU B 56 -16.19 -30.40 -30.59
CA LEU B 56 -15.35 -29.18 -30.71
C LEU B 56 -13.90 -29.41 -31.12
N GLY B 57 -13.45 -30.65 -31.08
CA GLY B 57 -12.13 -31.06 -31.53
C GLY B 57 -11.17 -31.63 -30.50
N ALA B 58 -11.71 -32.14 -29.39
CA ALA B 58 -10.85 -32.68 -28.32
C ALA B 58 -10.09 -33.89 -28.83
N ALA B 59 -8.79 -33.95 -28.59
CA ALA B 59 -8.04 -35.17 -28.88
C ALA B 59 -8.70 -36.40 -28.26
N SER B 60 -9.20 -36.31 -27.03
CA SER B 60 -10.04 -37.31 -26.37
C SER B 60 -10.88 -36.67 -25.27
N ALA B 61 -11.95 -37.33 -24.85
CA ALA B 61 -12.77 -36.86 -23.73
C ALA B 61 -13.47 -38.00 -22.99
N HIS B 62 -13.29 -38.02 -21.68
CA HIS B 62 -13.93 -38.99 -20.80
C HIS B 62 -14.48 -38.24 -19.60
N TYR B 63 -15.46 -38.86 -18.93
CA TYR B 63 -15.92 -38.38 -17.64
C TYR B 63 -15.85 -39.47 -16.57
N ILE B 64 -15.66 -39.05 -15.32
CA ILE B 64 -15.88 -39.91 -14.14
C ILE B 64 -16.77 -39.10 -13.15
N ALA B 65 -17.93 -39.66 -12.76
CA ALA B 65 -18.86 -39.07 -11.79
C ALA B 65 -18.63 -39.47 -10.33
N GLY B 66 -18.70 -38.48 -9.44
CA GLY B 66 -18.46 -38.71 -8.02
C GLY B 66 -18.39 -37.44 -7.19
N SER B 67 -18.54 -37.61 -5.88
CA SER B 67 -18.48 -36.49 -4.94
C SER B 67 -17.07 -36.32 -4.34
N MET B 68 -16.55 -35.09 -4.43
CA MET B 68 -15.28 -34.62 -3.80
C MET B 68 -15.41 -34.41 -2.28
N GLU B 69 -16.56 -34.77 -1.75
CA GLU B 69 -16.71 -34.94 -0.32
C GLU B 69 -15.99 -36.24 0.09
N ASP B 70 -15.86 -37.16 -0.86
CA ASP B 70 -15.28 -38.48 -0.65
C ASP B 70 -13.81 -38.50 -1.04
N MET B 71 -12.92 -38.48 -0.04
CA MET B 71 -11.49 -38.36 -0.32
C MET B 71 -10.93 -39.54 -1.07
N THR B 72 -11.50 -40.72 -0.83
CA THR B 72 -11.12 -41.94 -1.53
C THR B 72 -11.46 -41.85 -3.02
N PHE B 73 -12.69 -41.44 -3.31
CA PHE B 73 -13.01 -41.11 -4.68
C PHE B 73 -12.02 -40.14 -5.35
N ALA B 74 -11.73 -39.06 -4.65
CA ALA B 74 -10.77 -38.10 -5.18
C ALA B 74 -9.44 -38.76 -5.58
N GLU B 75 -8.91 -39.63 -4.71
CA GLU B 75 -7.62 -40.25 -4.94
C GLU B 75 -7.72 -41.17 -6.13
N GLU B 76 -8.77 -41.99 -6.14
CA GLU B 76 -8.95 -42.97 -7.22
C GLU B 76 -9.23 -42.31 -8.55
N PHE B 77 -9.96 -41.19 -8.52
CA PHE B 77 -10.31 -40.46 -9.73
C PHE B 77 -9.07 -40.08 -10.49
N VAL B 78 -8.09 -39.55 -9.79
CA VAL B 78 -6.87 -39.07 -10.44
C VAL B 78 -6.10 -40.20 -11.12
N ALA B 79 -5.98 -41.33 -10.44
CA ALA B 79 -5.22 -42.48 -10.99
C ALA B 79 -5.88 -42.99 -12.27
N GLU B 80 -7.20 -43.12 -12.20
CA GLU B 80 -8.06 -43.54 -13.33
C GLU B 80 -8.01 -42.55 -14.51
N ALA B 81 -8.05 -41.24 -14.25
CA ALA B 81 -7.96 -40.25 -15.32
C ALA B 81 -6.57 -40.30 -15.99
N GLY B 82 -5.53 -40.55 -15.23
CA GLY B 82 -4.21 -40.59 -15.82
C GLY B 82 -4.02 -41.86 -16.67
N ASN B 83 -4.55 -42.97 -16.18
CA ASN B 83 -4.67 -44.22 -16.95
C ASN B 83 -5.36 -43.97 -18.29
N LEU B 84 -6.54 -43.35 -18.23
CA LEU B 84 -7.32 -42.98 -19.41
C LEU B 84 -6.59 -42.11 -20.44
N MET B 85 -5.75 -41.16 -19.99
CA MET B 85 -5.00 -40.30 -20.93
C MET B 85 -3.55 -40.69 -21.13
N GLY B 86 -3.04 -41.64 -20.38
CA GLY B 86 -1.61 -41.98 -20.47
C GLY B 86 -0.67 -40.91 -19.94
N GLY B 87 -1.10 -40.23 -18.86
CA GLY B 87 -0.35 -39.19 -18.18
C GLY B 87 -1.26 -37.99 -17.82
N LEU B 88 -0.62 -36.95 -17.28
CA LEU B 88 -1.30 -35.71 -16.87
C LEU B 88 -0.38 -34.52 -16.97
N ASP B 89 -0.79 -33.50 -17.72
CA ASP B 89 -0.02 -32.30 -17.87
C ASP B 89 -0.60 -31.13 -17.03
N MET B 90 -1.91 -31.13 -16.79
CA MET B 90 -2.56 -30.00 -16.12
C MET B 90 -3.77 -30.47 -15.32
N LEU B 91 -3.77 -30.07 -14.05
CA LEU B 91 -4.81 -30.37 -13.05
C LEU B 91 -5.50 -29.03 -12.70
N ILE B 92 -6.74 -28.90 -13.16
CA ILE B 92 -7.55 -27.70 -12.93
C ILE B 92 -8.60 -27.97 -11.82
N LEU B 93 -8.37 -27.37 -10.65
CA LEU B 93 -9.19 -27.67 -9.46
C LEU B 93 -10.23 -26.54 -9.40
N ASN B 94 -11.48 -26.82 -9.80
CA ASN B 94 -12.45 -25.73 -10.03
C ASN B 94 -13.72 -25.94 -9.24
N HIS B 95 -14.06 -27.17 -8.87
CA HIS B 95 -15.27 -27.44 -8.12
C HIS B 95 -15.41 -26.68 -6.80
N VAL B 96 -16.68 -26.50 -6.35
CA VAL B 96 -16.95 -25.86 -5.05
C VAL B 96 -18.33 -26.27 -4.57
N LEU B 97 -18.50 -26.29 -3.26
CA LEU B 97 -19.81 -26.55 -2.64
C LEU B 97 -20.68 -25.33 -2.66
N TYR B 98 -21.90 -25.45 -3.17
CA TYR B 98 -22.77 -24.28 -3.16
C TYR B 98 -23.31 -24.07 -1.75
N ASN B 99 -23.24 -22.85 -1.27
CA ASN B 99 -23.71 -22.44 0.03
C ASN B 99 -24.57 -21.19 -0.13
N ARG B 100 -25.84 -21.32 0.17
CA ARG B 100 -26.75 -20.18 0.28
C ARG B 100 -26.13 -19.06 1.09
N LEU B 101 -26.31 -17.84 0.59
CA LEU B 101 -25.97 -16.66 1.36
C LEU B 101 -26.86 -16.57 2.60
N THR B 102 -26.19 -16.35 3.73
CA THR B 102 -26.86 -16.14 5.01
C THR B 102 -25.89 -15.51 5.98
N PHE B 103 -26.45 -14.73 6.92
CA PHE B 103 -25.69 -14.41 8.10
C PHE B 103 -25.30 -15.71 8.86
N PHE B 104 -24.05 -15.79 9.30
CA PHE B 104 -23.64 -16.97 10.04
C PHE B 104 -24.32 -17.02 11.44
N HIS B 105 -24.99 -18.09 11.75
CA HIS B 105 -25.63 -18.20 13.07
C HIS B 105 -25.44 -19.62 13.62
N GLY B 106 -24.28 -20.24 13.37
CA GLY B 106 -23.93 -21.53 14.00
C GLY B 106 -24.01 -22.82 13.20
N GLU B 107 -24.01 -22.66 11.88
CA GLU B 107 -24.03 -23.77 10.92
C GLU B 107 -22.68 -24.44 10.84
N ILE B 108 -22.35 -25.28 11.82
CA ILE B 108 -21.03 -25.86 11.93
C ILE B 108 -20.83 -26.93 10.88
N ASP B 109 -21.89 -27.67 10.53
CA ASP B 109 -21.73 -28.66 9.47
C ASP B 109 -21.41 -28.04 8.11
N ASN B 110 -22.00 -26.90 7.79
CA ASN B 110 -21.69 -26.21 6.52
C ASN B 110 -20.24 -25.76 6.51
N VAL B 111 -19.72 -25.32 7.66
CA VAL B 111 -18.28 -24.94 7.76
C VAL B 111 -17.38 -26.14 7.49
N ARG B 112 -17.70 -27.26 8.10
CA ARG B 112 -17.00 -28.52 7.84
C ARG B 112 -17.10 -29.01 6.40
N LYS B 113 -18.34 -29.09 5.89
CA LYS B 113 -18.54 -29.61 4.56
C LYS B 113 -17.86 -28.70 3.48
N SER B 114 -17.91 -27.39 3.70
CA SER B 114 -17.27 -26.46 2.77
C SER B 114 -15.75 -26.69 2.81
N MET B 115 -15.19 -26.82 4.01
CA MET B 115 -13.74 -27.10 4.07
C MET B 115 -13.38 -28.44 3.42
N GLU B 116 -14.21 -29.47 3.57
CA GLU B 116 -13.92 -30.78 2.91
C GLU B 116 -13.89 -30.69 1.37
N VAL B 117 -15.02 -30.24 0.80
CA VAL B 117 -15.18 -30.11 -0.64
C VAL B 117 -14.21 -29.10 -1.28
N ASN B 118 -14.07 -27.93 -0.66
CA ASN B 118 -13.47 -26.76 -1.31
C ASN B 118 -11.96 -26.74 -1.10
N PHE B 119 -11.48 -27.38 -0.03
CA PHE B 119 -10.06 -27.27 0.36
C PHE B 119 -9.40 -28.66 0.47
N HIS B 120 -9.86 -29.51 1.37
CA HIS B 120 -9.19 -30.83 1.56
C HIS B 120 -9.09 -31.66 0.29
N SER B 121 -10.18 -31.70 -0.49
CA SER B 121 -10.20 -32.43 -1.75
C SER B 121 -9.19 -31.82 -2.74
N PHE B 122 -9.01 -30.51 -2.78
CA PHE B 122 -7.95 -29.92 -3.64
C PHE B 122 -6.56 -30.47 -3.21
N VAL B 123 -6.30 -30.59 -1.91
CA VAL B 123 -5.01 -31.08 -1.49
C VAL B 123 -4.82 -32.52 -1.88
N VAL B 124 -5.80 -33.36 -1.58
CA VAL B 124 -5.75 -34.77 -1.91
C VAL B 124 -5.58 -35.06 -3.42
N LEU B 125 -6.30 -34.29 -4.25
CA LEU B 125 -6.20 -34.37 -5.70
C LEU B 125 -4.82 -33.99 -6.13
N SER B 126 -4.24 -32.93 -5.55
CA SER B 126 -2.89 -32.50 -5.89
C SER B 126 -1.79 -33.55 -5.52
N VAL B 127 -1.86 -34.09 -4.32
CA VAL B 127 -0.92 -35.14 -3.89
C VAL B 127 -0.99 -36.40 -4.77
N ALA B 128 -2.20 -36.78 -5.15
CA ALA B 128 -2.45 -37.96 -5.99
C ALA B 128 -1.95 -37.77 -7.40
N ALA B 129 -2.03 -36.53 -7.91
CA ALA B 129 -1.51 -36.12 -9.21
C ALA B 129 -0.02 -35.82 -9.27
N MET B 130 0.63 -35.65 -8.12
CA MET B 130 1.93 -35.06 -8.12
C MET B 130 2.96 -35.89 -8.87
N PRO B 131 3.05 -37.22 -8.68
CA PRO B 131 4.05 -37.95 -9.48
C PRO B 131 3.91 -37.73 -10.99
N MET B 132 2.70 -37.74 -11.51
CA MET B 132 2.53 -37.56 -12.95
C MET B 132 2.91 -36.15 -13.39
N LEU B 133 2.52 -35.15 -12.58
CA LEU B 133 2.85 -33.77 -12.86
C LEU B 133 4.34 -33.49 -12.76
N MET B 134 5.07 -34.11 -11.82
CA MET B 134 6.54 -33.98 -11.78
C MET B 134 7.21 -34.57 -13.05
N GLN B 135 6.71 -35.71 -13.49
CA GLN B 135 7.20 -36.38 -14.70
C GLN B 135 6.97 -35.54 -16.00
N SER B 136 5.84 -34.82 -16.09
CA SER B 136 5.51 -33.92 -17.22
C SER B 136 5.87 -32.44 -17.02
N GLN B 137 6.41 -32.11 -15.84
CA GLN B 137 6.73 -30.72 -15.49
C GLN B 137 5.48 -29.86 -15.73
N GLY B 138 4.36 -30.39 -15.23
CA GLY B 138 3.03 -29.83 -15.51
C GLY B 138 2.58 -28.71 -14.56
N SER B 139 1.25 -28.53 -14.47
CA SER B 139 0.65 -27.34 -13.84
C SER B 139 -0.66 -27.62 -13.10
N ILE B 140 -0.88 -26.86 -12.01
CA ILE B 140 -2.08 -26.95 -11.20
C ILE B 140 -2.74 -25.60 -11.22
N ALA B 141 -4.02 -25.54 -11.60
CA ALA B 141 -4.84 -24.32 -11.42
C ALA B 141 -5.70 -24.50 -10.17
N VAL B 142 -5.53 -23.57 -9.23
CA VAL B 142 -6.30 -23.55 -7.98
C VAL B 142 -7.29 -22.42 -8.09
N VAL B 143 -8.54 -22.74 -8.42
CA VAL B 143 -9.52 -21.71 -8.64
C VAL B 143 -10.10 -21.18 -7.28
N SER B 144 -9.86 -19.90 -7.07
CA SER B 144 -10.31 -19.22 -5.82
C SER B 144 -11.19 -18.03 -6.22
N SER B 145 -11.18 -16.98 -5.42
CA SER B 145 -12.12 -15.86 -5.57
C SER B 145 -11.44 -14.61 -4.94
N VAL B 146 -11.98 -13.45 -5.25
CA VAL B 146 -11.72 -12.21 -4.52
C VAL B 146 -12.00 -12.42 -3.04
N ALA B 147 -12.92 -13.32 -2.76
CA ALA B 147 -13.27 -13.66 -1.40
C ALA B 147 -12.39 -14.71 -0.73
N GLY B 148 -11.31 -15.06 -1.42
CA GLY B 148 -10.16 -15.79 -0.88
C GLY B 148 -8.96 -14.90 -0.63
N LYS B 149 -9.18 -13.60 -0.77
CA LYS B 149 -8.20 -12.56 -0.50
C LYS B 149 -8.68 -11.44 0.42
N ILE B 150 -9.97 -11.16 0.35
CA ILE B 150 -10.65 -10.23 1.24
C ILE B 150 -11.95 -10.86 1.68
N THR B 151 -12.64 -10.28 2.68
CA THR B 151 -13.89 -10.90 3.17
C THR B 151 -15.12 -10.17 2.70
N TYR B 152 -16.20 -10.94 2.52
CA TYR B 152 -17.51 -10.46 2.17
C TYR B 152 -18.55 -11.03 3.16
N PRO B 153 -19.43 -10.17 3.67
CA PRO B 153 -20.55 -10.64 4.49
C PRO B 153 -21.37 -11.66 3.73
N LEU B 154 -21.86 -12.63 4.48
CA LEU B 154 -22.84 -13.67 4.15
C LEU B 154 -22.25 -14.99 3.61
N ILE B 155 -20.93 -15.05 3.48
CA ILE B 155 -20.29 -16.23 2.93
C ILE B 155 -19.05 -16.72 3.73
N ALA B 156 -19.06 -16.56 5.06
CA ALA B 156 -17.96 -17.01 5.89
C ALA B 156 -17.42 -18.44 5.66
N PRO B 157 -18.27 -19.46 5.52
CA PRO B 157 -17.78 -20.83 5.31
C PRO B 157 -17.01 -21.02 4.00
N TYR B 158 -17.55 -20.45 2.94
CA TYR B 158 -16.86 -20.38 1.63
C TYR B 158 -15.54 -19.60 1.71
N SER B 159 -15.56 -18.42 2.32
CA SER B 159 -14.36 -17.61 2.37
C SER B 159 -13.21 -18.29 3.15
N ALA B 160 -13.54 -18.94 4.26
CA ALA B 160 -12.58 -19.62 5.08
C ALA B 160 -11.84 -20.63 4.23
N SER B 161 -12.60 -21.38 3.41
CA SER B 161 -12.02 -22.47 2.61
C SER B 161 -11.13 -21.90 1.50
N LYS B 162 -11.46 -20.74 0.92
CA LYS B 162 -10.66 -20.12 -0.16
C LYS B 162 -9.38 -19.46 0.40
N PHE B 163 -9.51 -18.82 1.56
CA PHE B 163 -8.31 -18.38 2.30
C PHE B 163 -7.35 -19.54 2.60
N ALA B 164 -7.89 -20.70 3.03
CA ALA B 164 -7.06 -21.84 3.33
C ALA B 164 -6.22 -22.25 2.07
N LEU B 165 -6.86 -22.23 0.91
CA LEU B 165 -6.22 -22.57 -0.36
C LEU B 165 -5.02 -21.75 -0.66
N ASP B 166 -5.11 -20.46 -0.39
CA ASP B 166 -4.01 -19.56 -0.56
C ASP B 166 -2.85 -19.92 0.40
N GLY B 167 -3.13 -20.06 1.68
CA GLY B 167 -2.06 -20.41 2.63
C GLY B 167 -1.33 -21.70 2.31
N PHE B 168 -2.10 -22.72 1.94
CA PHE B 168 -1.52 -24.03 1.59
C PHE B 168 -0.74 -24.01 0.23
N PHE B 169 -1.43 -23.68 -0.84
CA PHE B 169 -0.81 -23.73 -2.16
C PHE B 169 0.31 -22.69 -2.40
N SER B 170 0.23 -21.51 -1.76
CA SER B 170 1.26 -20.53 -1.92
C SER B 170 2.50 -20.98 -1.13
N THR B 171 2.29 -21.69 -0.01
CA THR B 171 3.41 -22.33 0.69
C THR B 171 4.07 -23.44 -0.16
N LEU B 172 3.26 -24.33 -0.73
CA LEU B 172 3.81 -25.36 -1.59
C LEU B 172 4.62 -24.84 -2.79
N ARG B 173 4.11 -23.81 -3.45
CA ARG B 173 4.85 -23.10 -4.51
C ARG B 173 6.24 -22.63 -4.04
N SER B 174 6.32 -21.94 -2.90
CA SER B 174 7.58 -21.47 -2.41
C SER B 174 8.57 -22.62 -2.10
N GLU B 175 8.07 -23.76 -1.61
CA GLU B 175 8.88 -24.98 -1.45
C GLU B 175 9.31 -25.62 -2.75
N PHE B 176 8.40 -25.70 -3.71
CA PHE B 176 8.77 -26.16 -5.03
C PHE B 176 9.85 -25.29 -5.68
N LEU B 177 9.78 -23.96 -5.51
CA LEU B 177 10.81 -23.07 -6.07
C LEU B 177 12.19 -23.34 -5.48
N VAL B 178 12.26 -23.52 -4.16
CA VAL B 178 13.52 -23.77 -3.49
C VAL B 178 14.00 -25.15 -3.84
N ASN B 179 13.13 -26.15 -3.88
CA ASN B 179 13.55 -27.52 -4.19
C ASN B 179 13.74 -27.77 -5.70
N LYS B 180 13.62 -26.73 -6.50
CA LYS B 180 13.75 -26.81 -7.96
C LYS B 180 12.78 -27.84 -8.63
N VAL B 181 11.59 -27.97 -8.06
CA VAL B 181 10.54 -28.84 -8.57
C VAL B 181 9.78 -28.10 -9.66
N ASN B 182 9.77 -28.59 -10.90
CA ASN B 182 9.12 -27.86 -11.98
C ASN B 182 7.65 -28.24 -12.19
N VAL B 183 6.85 -28.08 -11.13
CA VAL B 183 5.39 -28.13 -11.21
C VAL B 183 4.88 -26.71 -10.78
N SER B 184 4.21 -25.99 -11.67
CA SER B 184 3.69 -24.67 -11.40
C SER B 184 2.31 -24.73 -10.78
N ILE B 185 2.01 -23.70 -10.02
CA ILE B 185 0.80 -23.57 -9.24
C ILE B 185 0.27 -22.16 -9.46
N THR B 186 -0.92 -22.04 -10.05
CA THR B 186 -1.49 -20.77 -10.44
C THR B 186 -2.75 -20.59 -9.59
N LEU B 187 -2.73 -19.62 -8.68
CA LEU B 187 -3.94 -19.25 -7.94
C LEU B 187 -4.78 -18.24 -8.73
N CYS B 188 -6.01 -18.65 -9.01
CA CYS B 188 -6.89 -17.92 -9.89
C CYS B 188 -7.86 -17.14 -9.01
N ILE B 189 -7.78 -15.83 -9.08
CA ILE B 189 -8.57 -14.93 -8.27
C ILE B 189 -9.67 -14.28 -9.15
N LEU B 190 -10.87 -14.84 -9.01
CA LEU B 190 -12.02 -14.43 -9.79
C LEU B 190 -12.98 -13.51 -9.02
N GLY B 191 -13.40 -12.50 -9.71
CA GLY B 191 -14.55 -11.68 -9.36
C GLY B 191 -15.86 -12.41 -9.61
N LEU B 192 -17.00 -11.69 -9.48
CA LEU B 192 -18.29 -12.27 -9.76
C LEU B 192 -18.40 -12.62 -11.26
N ILE B 193 -18.79 -13.85 -11.53
CA ILE B 193 -18.79 -14.40 -12.88
C ILE B 193 -20.22 -14.80 -13.17
N ASP B 194 -20.66 -14.58 -14.39
CA ASP B 194 -22.11 -14.85 -14.71
C ASP B 194 -22.57 -16.29 -14.89
N THR B 195 -22.19 -17.19 -14.01
CA THR B 195 -22.75 -18.53 -14.02
C THR B 195 -24.12 -18.40 -13.43
N GLU B 196 -25.01 -19.30 -13.81
CA GLU B 196 -26.36 -19.31 -13.31
C GLU B 196 -26.36 -19.35 -11.79
N THR B 197 -25.45 -20.12 -11.23
CA THR B 197 -25.39 -20.21 -9.77
C THR B 197 -25.12 -18.91 -9.11
N ALA B 198 -24.15 -18.14 -9.61
CA ALA B 198 -23.83 -16.87 -8.98
C ALA B 198 -24.92 -15.78 -9.10
N ILE B 199 -25.49 -15.73 -10.27
CA ILE B 199 -26.45 -14.75 -10.62
C ILE B 199 -27.73 -15.00 -9.79
N LYS B 200 -28.14 -16.26 -9.61
CA LYS B 200 -29.32 -16.57 -8.81
C LYS B 200 -29.09 -16.36 -7.30
N ALA B 201 -27.95 -16.80 -6.79
CA ALA B 201 -27.61 -16.67 -5.38
C ALA B 201 -27.49 -15.20 -4.91
N THR B 202 -27.04 -14.32 -5.78
CA THR B 202 -26.77 -12.94 -5.43
C THR B 202 -27.93 -12.01 -5.72
N SER B 203 -28.92 -12.50 -6.47
CA SER B 203 -30.03 -11.70 -6.96
C SER B 203 -30.72 -10.95 -5.83
N GLY B 204 -30.62 -9.63 -5.89
CA GLY B 204 -31.27 -8.77 -4.90
C GLY B 204 -30.48 -8.51 -3.60
N ILE B 205 -29.35 -9.21 -3.44
CA ILE B 205 -28.44 -9.09 -2.29
C ILE B 205 -27.15 -8.37 -2.60
N TYR B 206 -26.43 -8.89 -3.62
CA TYR B 206 -25.13 -8.37 -4.07
C TYR B 206 -25.36 -7.84 -5.51
N LEU B 207 -25.09 -6.57 -5.70
CA LEU B 207 -25.52 -5.84 -6.89
C LEU B 207 -24.38 -5.61 -7.85
N GLY B 208 -23.15 -6.04 -7.55
CA GLY B 208 -22.00 -5.82 -8.47
C GLY B 208 -22.17 -6.51 -9.81
N PRO B 209 -21.69 -5.92 -10.91
CA PRO B 209 -21.78 -6.59 -12.21
C PRO B 209 -20.97 -7.86 -12.28
N ALA B 210 -21.39 -8.83 -13.12
CA ALA B 210 -20.77 -10.12 -13.28
C ALA B 210 -20.09 -10.26 -14.63
N SER B 211 -18.85 -10.73 -14.63
CA SER B 211 -18.10 -10.88 -15.88
C SER B 211 -18.39 -12.22 -16.59
N PRO B 212 -18.13 -12.29 -17.90
CA PRO B 212 -18.53 -13.51 -18.63
C PRO B 212 -17.68 -14.73 -18.39
N LYS B 213 -18.38 -15.83 -18.22
CA LYS B 213 -17.83 -17.11 -17.83
C LYS B 213 -16.95 -17.68 -18.91
N GLU B 214 -17.33 -17.47 -20.17
CA GLU B 214 -16.54 -17.94 -21.32
C GLU B 214 -15.14 -17.36 -21.32
N GLU B 215 -15.03 -16.04 -21.13
CA GLU B 215 -13.76 -15.38 -21.08
C GLU B 215 -13.00 -15.74 -19.78
N CYS B 216 -13.72 -15.85 -18.67
CA CYS B 216 -13.11 -16.26 -17.40
C CYS B 216 -12.37 -17.61 -17.56
N ALA B 217 -13.08 -18.57 -18.16
CA ALA B 217 -12.46 -19.88 -18.41
C ALA B 217 -11.23 -19.80 -19.27
N LEU B 218 -11.25 -18.96 -20.30
CA LEU B 218 -10.06 -18.86 -21.17
C LEU B 218 -8.85 -18.30 -20.38
N GLU B 219 -9.10 -17.27 -19.58
CA GLU B 219 -8.03 -16.59 -18.85
C GLU B 219 -7.37 -17.56 -17.82
N ILE B 220 -8.18 -18.47 -17.22
CA ILE B 220 -7.71 -19.44 -16.25
C ILE B 220 -6.72 -20.36 -17.02
N ILE B 221 -7.17 -20.87 -18.17
CA ILE B 221 -6.35 -21.75 -19.01
C ILE B 221 -5.08 -21.03 -19.43
N LYS B 222 -5.17 -19.77 -19.86
CA LYS B 222 -3.99 -19.03 -20.30
C LYS B 222 -3.01 -18.82 -19.16
N GLY B 223 -3.47 -18.32 -18.02
CA GLY B 223 -2.55 -18.03 -16.93
C GLY B 223 -1.88 -19.28 -16.39
N THR B 224 -2.60 -20.39 -16.41
CA THR B 224 -2.05 -21.63 -15.92
C THR B 224 -0.98 -22.17 -16.89
N ALA B 225 -1.30 -22.17 -18.18
CA ALA B 225 -0.34 -22.53 -19.24
C ALA B 225 0.92 -21.66 -19.19
N LEU B 226 0.76 -20.39 -18.85
CA LEU B 226 1.90 -19.48 -18.79
C LEU B 226 2.69 -19.60 -17.50
N ARG B 227 2.24 -20.49 -16.60
CA ARG B 227 2.93 -20.81 -15.34
C ARG B 227 3.02 -19.63 -14.40
N GLN B 228 1.99 -18.80 -14.44
CA GLN B 228 1.89 -17.62 -13.57
C GLN B 228 1.59 -18.01 -12.11
N ASP B 229 2.09 -17.24 -11.15
CA ASP B 229 1.79 -17.52 -9.72
C ASP B 229 0.33 -17.25 -9.46
N GLU B 230 -0.14 -16.08 -9.92
CA GLU B 230 -1.58 -15.70 -9.84
C GLU B 230 -2.16 -15.17 -11.17
N MET B 231 -3.44 -15.41 -11.36
CA MET B 231 -4.19 -14.88 -12.48
C MET B 231 -5.45 -14.23 -11.87
N TYR B 232 -5.70 -12.94 -12.18
CA TYR B 232 -6.88 -12.21 -11.77
C TYR B 232 -7.86 -12.07 -12.93
N TYR B 233 -9.13 -12.39 -12.73
CA TYR B 233 -10.16 -12.09 -13.72
C TYR B 233 -11.29 -11.40 -12.93
N VAL B 234 -11.33 -10.06 -12.89
CA VAL B 234 -12.20 -9.39 -11.82
C VAL B 234 -13.31 -8.29 -11.87
N GLY B 235 -13.21 -7.50 -12.92
CA GLY B 235 -14.18 -6.46 -13.24
C GLY B 235 -13.50 -5.12 -13.51
N SER B 236 -12.44 -4.85 -12.79
CA SER B 236 -11.71 -3.58 -12.91
C SER B 236 -10.23 -3.84 -13.15
N ARG B 237 -9.64 -3.09 -14.06
CA ARG B 237 -8.19 -3.08 -14.21
C ARG B 237 -7.39 -2.77 -12.93
N TRP B 238 -7.99 -2.10 -11.94
CA TRP B 238 -7.23 -1.65 -10.75
C TRP B 238 -7.18 -2.68 -9.66
N VAL B 239 -8.18 -3.54 -9.60
CA VAL B 239 -8.30 -4.52 -8.51
C VAL B 239 -7.14 -5.49 -8.39
N PRO B 240 -6.55 -6.00 -9.48
CA PRO B 240 -5.38 -6.88 -9.33
C PRO B 240 -4.21 -6.21 -8.60
N TYR B 241 -4.09 -4.91 -8.74
CA TYR B 241 -3.07 -4.12 -8.02
C TYR B 241 -3.38 -4.07 -6.51
N LEU B 242 -4.62 -3.82 -6.17
CA LEU B 242 -5.05 -3.79 -4.77
C LEU B 242 -5.03 -5.13 -4.08
N LEU B 243 -5.19 -6.23 -4.82
CA LEU B 243 -5.21 -7.57 -4.23
C LEU B 243 -3.82 -8.25 -4.27
N GLY B 244 -2.93 -7.62 -5.02
CA GLY B 244 -1.59 -8.10 -5.24
C GLY B 244 -0.75 -8.08 -3.97
N ASN B 245 -1.03 -7.17 -3.06
CA ASN B 245 -0.42 -7.18 -1.73
C ASN B 245 1.08 -7.15 -1.79
N PRO B 246 1.66 -6.04 -2.25
CA PRO B 246 3.14 -5.87 -2.21
C PRO B 246 3.78 -6.03 -0.85
N GLY B 247 3.05 -5.73 0.23
CA GLY B 247 3.58 -5.85 1.59
C GLY B 247 3.88 -7.32 1.91
N ARG B 248 2.93 -8.21 1.55
CA ARG B 248 3.14 -9.64 1.70
C ARG B 248 4.32 -10.12 0.84
N LYS B 249 4.42 -9.64 -0.41
CA LYS B 249 5.53 -10.07 -1.28
C LYS B 249 6.87 -9.69 -0.68
N ILE B 250 6.94 -8.49 -0.13
CA ILE B 250 8.16 -8.01 0.53
C ILE B 250 8.55 -8.85 1.75
N MET B 251 7.60 -9.04 2.66
CA MET B 251 7.81 -9.84 3.86
C MET B 251 8.21 -11.29 3.53
N GLU B 252 7.63 -11.85 2.49
CA GLU B 252 7.98 -13.23 2.13
C GLU B 252 9.45 -13.26 1.65
N PHE B 253 9.79 -12.40 0.70
CA PHE B 253 11.19 -12.21 0.28
C PHE B 253 12.18 -12.07 1.44
N LEU B 254 11.96 -11.14 2.35
CA LEU B 254 12.92 -10.89 3.44
C LEU B 254 12.93 -11.99 4.52
N SER B 255 11.78 -12.62 4.77
CA SER B 255 11.70 -13.78 5.69
C SER B 255 12.49 -14.98 5.22
N ALA B 256 12.40 -15.18 3.93
CA ALA B 256 13.01 -16.34 3.32
C ALA B 256 14.50 -16.26 3.63
N ALA B 257 15.06 -15.07 3.66
CA ALA B 257 16.50 -14.90 4.00
C ALA B 257 16.88 -15.27 5.42
N GLU B 258 15.90 -15.41 6.33
CA GLU B 258 16.17 -15.78 7.72
C GLU B 258 16.33 -17.28 7.93
N TYR B 259 16.08 -18.09 6.91
CA TYR B 259 16.25 -19.52 7.04
C TYR B 259 17.73 -19.90 6.85
N ASN B 260 18.12 -21.00 7.52
CA ASN B 260 19.41 -21.65 7.29
C ASN B 260 19.20 -22.73 6.24
N TRP B 261 19.35 -22.33 4.98
CA TRP B 261 19.00 -23.18 3.86
C TRP B 261 19.99 -24.32 3.67
N ASP B 262 21.25 -24.11 4.02
CA ASP B 262 22.24 -25.20 4.13
C ASP B 262 21.65 -26.37 4.98
N ASN B 263 21.20 -26.05 6.18
CA ASN B 263 20.64 -27.11 7.03
C ASN B 263 19.33 -27.64 6.50
N LYS C 1 26.52 -5.31 -7.87
CA LYS C 1 27.10 -5.04 -6.51
C LYS C 1 28.30 -4.07 -6.50
N PHE C 2 28.31 -3.15 -5.54
CA PHE C 2 29.29 -2.07 -5.49
C PHE C 2 30.73 -2.54 -5.25
N ARG C 3 31.66 -1.95 -6.01
CA ARG C 3 33.09 -1.98 -5.68
C ARG C 3 33.64 -0.56 -5.66
N PRO C 4 34.53 -0.25 -4.72
CA PRO C 4 35.12 1.09 -4.67
C PRO C 4 35.92 1.43 -5.95
N GLU C 5 36.34 0.42 -6.70
CA GLU C 5 37.02 0.61 -7.94
C GLU C 5 36.15 1.32 -8.96
N MET C 6 34.85 1.38 -8.70
CA MET C 6 33.92 1.99 -9.63
C MET C 6 34.06 3.51 -9.68
N LEU C 7 34.68 4.09 -8.65
CA LEU C 7 35.01 5.53 -8.60
C LEU C 7 36.48 5.92 -8.86
N GLN C 8 37.34 4.93 -9.14
CA GLN C 8 38.77 5.19 -9.36
C GLN C 8 38.91 6.02 -10.62
N GLY C 9 39.61 7.14 -10.56
CA GLY C 9 39.79 7.98 -11.73
C GLY C 9 38.55 8.71 -12.25
N LYS C 10 37.41 8.59 -11.55
CA LYS C 10 36.17 9.32 -11.94
C LYS C 10 36.21 10.79 -11.48
N LYS C 11 35.52 11.61 -12.27
CA LYS C 11 35.52 13.06 -12.11
C LYS C 11 34.23 13.49 -11.47
N VAL C 12 34.30 13.93 -10.22
CA VAL C 12 33.10 14.11 -9.40
C VAL C 12 33.05 15.50 -8.75
N ILE C 13 31.91 16.16 -8.91
CA ILE C 13 31.62 17.43 -8.22
C ILE C 13 30.81 17.11 -6.97
N VAL C 14 31.15 17.73 -5.85
CA VAL C 14 30.38 17.66 -4.61
C VAL C 14 30.02 19.08 -4.12
N THR C 15 28.73 19.38 -4.07
CA THR C 15 28.29 20.65 -3.50
C THR C 15 27.99 20.44 -2.02
N GLY C 16 27.89 21.56 -1.27
CA GLY C 16 27.68 21.51 0.19
C GLY C 16 28.73 20.63 0.94
N ALA C 17 29.99 20.74 0.53
CA ALA C 17 31.02 19.77 0.92
C ALA C 17 32.00 20.33 1.93
N SER C 18 31.74 21.51 2.48
CA SER C 18 32.55 22.06 3.60
C SER C 18 32.35 21.37 4.96
N LYS C 19 31.19 20.76 5.13
CA LYS C 19 30.87 20.14 6.42
C LYS C 19 29.84 19.10 6.18
N GLY C 20 29.48 18.38 7.22
CA GLY C 20 28.35 17.48 7.24
C GLY C 20 28.55 16.31 6.28
N ILE C 21 27.45 15.83 5.71
CA ILE C 21 27.41 14.69 4.78
C ILE C 21 28.30 14.95 3.57
N GLY C 22 28.25 16.16 3.04
CA GLY C 22 28.95 16.45 1.79
C GLY C 22 30.46 16.32 1.98
N ARG C 23 30.92 16.66 3.17
CA ARG C 23 32.36 16.58 3.51
C ARG C 23 32.72 15.16 3.60
N GLU C 24 31.88 14.35 4.22
CA GLU C 24 32.10 12.89 4.24
C GLU C 24 32.07 12.25 2.88
N ILE C 25 31.23 12.74 1.97
CA ILE C 25 31.23 12.27 0.58
C ILE C 25 32.59 12.49 -0.08
N ALA C 26 33.09 13.69 0.02
CA ALA C 26 34.36 14.02 -0.57
C ALA C 26 35.46 13.07 -0.03
N TYR C 27 35.46 12.81 1.28
CA TYR C 27 36.43 11.94 1.93
C TYR C 27 36.39 10.55 1.40
N HIS C 28 35.20 10.00 1.21
CA HIS C 28 35.12 8.65 0.71
C HIS C 28 35.60 8.57 -0.78
N LEU C 29 35.21 9.56 -1.57
CA LEU C 29 35.66 9.66 -2.96
C LEU C 29 37.19 9.70 -3.07
N ALA C 30 37.80 10.51 -2.21
CA ALA C 30 39.27 10.59 -2.08
C ALA C 30 39.95 9.25 -1.85
N LYS C 31 39.45 8.48 -0.87
CA LYS C 31 39.94 7.14 -0.58
C LYS C 31 39.75 6.16 -1.76
N MET C 32 38.78 6.42 -2.65
CA MET C 32 38.49 5.55 -3.80
C MET C 32 39.31 5.94 -5.02
N GLY C 33 40.03 7.04 -4.87
CA GLY C 33 40.96 7.53 -5.88
C GLY C 33 40.31 8.43 -6.92
N ALA C 34 39.22 9.13 -6.57
CA ALA C 34 38.52 9.99 -7.54
C ALA C 34 39.17 11.31 -7.65
N HIS C 35 38.96 11.95 -8.80
CA HIS C 35 39.16 13.41 -8.94
C HIS C 35 37.90 14.07 -8.38
N VAL C 36 38.06 14.99 -7.42
CA VAL C 36 37.00 15.84 -6.90
C VAL C 36 37.19 17.35 -7.04
N VAL C 37 36.09 18.04 -7.28
CA VAL C 37 36.00 19.44 -7.07
C VAL C 37 34.84 19.69 -6.06
N VAL C 38 35.18 20.30 -4.91
CA VAL C 38 34.25 20.63 -3.84
C VAL C 38 33.82 22.11 -3.84
N THR C 39 32.58 22.36 -3.38
CA THR C 39 32.08 23.76 -3.28
C THR C 39 31.12 23.90 -2.12
N ALA C 40 31.03 25.16 -1.70
CA ALA C 40 30.26 25.70 -0.58
C ALA C 40 30.63 27.22 -0.48
N ARG C 41 30.03 27.97 0.45
CA ARG C 41 30.38 29.39 0.65
C ARG C 41 31.75 29.61 1.32
N SER C 42 32.14 28.75 2.25
CA SER C 42 33.34 28.99 3.10
C SER C 42 34.63 28.51 2.45
N LYS C 43 35.42 29.46 1.99
CA LYS C 43 36.78 29.19 1.47
C LYS C 43 37.66 28.46 2.50
N GLU C 44 37.78 29.05 3.68
CA GLU C 44 38.48 28.47 4.81
C GLU C 44 38.20 26.95 5.02
N ALA C 45 36.92 26.59 4.98
CA ALA C 45 36.50 25.23 5.30
C ALA C 45 36.86 24.32 4.13
N LEU C 46 36.75 24.89 2.95
CA LEU C 46 36.97 24.14 1.73
C LEU C 46 38.46 23.84 1.48
N GLN C 47 39.35 24.78 1.81
CA GLN C 47 40.80 24.52 1.74
C GLN C 47 41.15 23.27 2.53
N LYS C 48 40.56 23.18 3.71
CA LYS C 48 40.85 22.10 4.64
C LYS C 48 40.32 20.80 4.17
N VAL C 49 39.17 20.83 3.50
CA VAL C 49 38.64 19.59 2.90
C VAL C 49 39.53 19.15 1.71
N VAL C 50 40.02 20.10 0.95
CA VAL C 50 40.87 19.74 -0.16
C VAL C 50 42.22 19.08 0.35
N ALA C 51 42.90 19.71 1.30
CA ALA C 51 44.14 19.12 1.89
C ALA C 51 43.94 17.65 2.34
N ARG C 52 42.80 17.37 2.95
CA ARG C 52 42.52 16.06 3.51
C ARG C 52 42.21 15.05 2.42
N CYS C 53 41.42 15.46 1.43
CA CYS C 53 41.27 14.67 0.21
C CYS C 53 42.62 14.21 -0.47
N LEU C 54 43.55 15.13 -0.62
CA LEU C 54 44.87 14.83 -1.17
C LEU C 54 45.59 13.73 -0.37
N GLU C 55 45.63 13.93 0.96
CA GLU C 55 46.22 12.98 1.91
C GLU C 55 45.57 11.60 1.84
N LEU C 56 44.25 11.56 1.62
CA LEU C 56 43.55 10.29 1.50
C LEU C 56 43.77 9.64 0.15
N GLY C 57 44.38 10.39 -0.76
CA GLY C 57 44.78 9.87 -2.06
C GLY C 57 43.83 10.13 -3.22
N ALA C 58 43.17 11.27 -3.24
CA ALA C 58 42.42 11.66 -4.42
C ALA C 58 43.32 11.74 -5.65
N ALA C 59 42.77 11.46 -6.84
CA ALA C 59 43.51 11.61 -8.09
C ALA C 59 43.94 13.07 -8.28
N SER C 60 43.06 13.99 -7.85
CA SER C 60 43.33 15.43 -7.70
C SER C 60 42.22 16.00 -6.84
N ALA C 61 42.36 17.24 -6.37
CA ALA C 61 41.33 17.87 -5.54
C ALA C 61 41.46 19.35 -5.67
N HIS C 62 40.33 20.05 -5.82
CA HIS C 62 40.25 21.51 -5.90
C HIS C 62 38.93 22.00 -5.30
N TYR C 63 38.91 23.26 -4.85
CA TYR C 63 37.68 23.90 -4.39
C TYR C 63 37.37 25.16 -5.18
N ILE C 64 36.10 25.57 -5.15
CA ILE C 64 35.66 26.87 -5.68
C ILE C 64 34.55 27.32 -4.72
N ALA C 65 34.75 28.46 -4.08
CA ALA C 65 33.79 29.05 -3.16
C ALA C 65 32.76 29.96 -3.84
N GLY C 66 31.49 29.78 -3.46
CA GLY C 66 30.45 30.71 -3.83
C GLY C 66 29.09 30.31 -3.26
N SER C 67 28.09 31.19 -3.41
CA SER C 67 26.72 30.92 -2.95
C SER C 67 25.85 30.35 -4.06
N MET C 68 25.14 29.27 -3.79
CA MET C 68 24.26 28.72 -4.80
C MET C 68 22.94 29.48 -4.86
N GLU C 69 22.86 30.57 -4.09
CA GLU C 69 21.79 31.54 -4.26
C GLU C 69 21.91 32.30 -5.57
N ASP C 70 23.11 32.28 -6.14
CA ASP C 70 23.49 33.06 -7.30
C ASP C 70 23.59 32.13 -8.48
N MET C 71 22.61 32.25 -9.37
CA MET C 71 22.46 31.34 -10.50
C MET C 71 23.63 31.43 -11.49
N THR C 72 24.27 32.59 -11.57
CA THR C 72 25.40 32.79 -12.45
C THR C 72 26.62 32.07 -11.91
N PHE C 73 26.83 32.16 -10.60
CA PHE C 73 27.85 31.37 -9.95
C PHE C 73 27.64 29.87 -10.23
N ALA C 74 26.41 29.38 -10.10
CA ALA C 74 26.18 27.95 -10.29
C ALA C 74 26.61 27.55 -11.70
N GLU C 75 26.16 28.28 -12.71
CA GLU C 75 26.50 28.01 -14.07
C GLU C 75 28.04 28.05 -14.35
N GLU C 76 28.72 29.04 -13.80
CA GLU C 76 30.15 29.23 -14.07
C GLU C 76 30.95 28.24 -13.20
N PHE C 77 30.44 27.92 -12.02
CA PHE C 77 31.10 26.90 -11.22
C PHE C 77 31.30 25.59 -11.97
N VAL C 78 30.30 25.17 -12.73
CA VAL C 78 30.33 23.84 -13.34
C VAL C 78 31.34 23.88 -14.50
N ALA C 79 31.35 24.99 -15.23
CA ALA C 79 32.25 25.12 -16.37
C ALA C 79 33.70 25.04 -15.86
N GLU C 80 33.99 25.73 -14.77
CA GLU C 80 35.35 25.75 -14.26
C GLU C 80 35.71 24.43 -13.63
N ALA C 81 34.75 23.72 -13.05
CA ALA C 81 35.04 22.41 -12.42
C ALA C 81 35.40 21.38 -13.51
N GLY C 82 34.63 21.37 -14.58
CA GLY C 82 34.90 20.48 -15.70
C GLY C 82 36.25 20.76 -16.38
N ASN C 83 36.62 22.04 -16.43
CA ASN C 83 37.92 22.50 -16.94
C ASN C 83 39.08 21.98 -16.07
N LEU C 84 38.90 22.03 -14.77
CA LEU C 84 39.89 21.51 -13.83
C LEU C 84 40.08 20.01 -13.91
N MET C 85 39.02 19.27 -14.22
CA MET C 85 39.13 17.83 -14.26
C MET C 85 39.19 17.27 -15.68
N GLY C 86 38.96 18.10 -16.69
CA GLY C 86 38.92 17.62 -18.06
C GLY C 86 37.68 16.77 -18.37
N GLY C 87 36.60 17.05 -17.64
CA GLY C 87 35.31 16.39 -17.83
C GLY C 87 34.59 16.18 -16.50
N LEU C 88 33.47 15.44 -16.54
CA LEU C 88 32.64 15.18 -15.37
C LEU C 88 31.95 13.85 -15.60
N ASP C 89 31.99 13.01 -14.59
CA ASP C 89 31.40 11.68 -14.62
C ASP C 89 30.19 11.64 -13.65
N MET C 90 30.26 12.41 -12.58
CA MET C 90 29.23 12.40 -11.50
C MET C 90 29.07 13.76 -10.86
N LEU C 91 27.82 14.21 -10.79
CA LEU C 91 27.40 15.44 -10.16
C LEU C 91 26.60 15.12 -8.90
N ILE C 92 27.11 15.52 -7.72
CA ILE C 92 26.42 15.24 -6.47
C ILE C 92 25.87 16.53 -5.88
N LEU C 93 24.55 16.66 -5.88
CA LEU C 93 23.87 17.91 -5.52
C LEU C 93 23.41 17.70 -4.07
N ASN C 94 24.16 18.27 -3.14
CA ASN C 94 24.00 17.94 -1.74
C ASN C 94 23.72 19.17 -0.87
N HIS C 95 24.04 20.37 -1.35
CA HIS C 95 23.80 21.58 -0.59
C HIS C 95 22.32 21.83 -0.25
N VAL C 96 22.12 22.63 0.82
CA VAL C 96 20.80 23.00 1.26
C VAL C 96 20.87 24.23 2.16
N LEU C 97 19.83 25.05 2.07
CA LEU C 97 19.71 26.25 2.90
C LEU C 97 19.21 25.89 4.27
N TYR C 98 19.91 26.43 5.25
CA TYR C 98 19.52 26.22 6.63
C TYR C 98 18.33 27.14 6.95
N ASN C 99 17.33 26.57 7.58
CA ASN C 99 16.05 27.16 7.96
C ASN C 99 15.68 26.68 9.37
N ARG C 100 15.50 27.54 10.37
CA ARG C 100 15.13 27.04 11.71
C ARG C 100 13.73 26.49 11.73
N LEU C 101 13.52 25.47 12.55
CA LEU C 101 12.19 24.91 12.73
C LEU C 101 11.32 25.97 13.37
N THR C 102 10.22 26.26 12.70
CA THR C 102 9.16 27.10 13.22
C THR C 102 7.81 26.77 12.59
N PHE C 103 6.70 27.05 13.29
CA PHE C 103 5.38 27.01 12.65
C PHE C 103 5.37 28.11 11.57
N PHE C 104 4.82 27.82 10.39
CA PHE C 104 4.87 28.79 9.32
C PHE C 104 3.84 29.90 9.66
N HIS C 105 4.30 31.14 9.52
CA HIS C 105 3.43 32.31 9.73
C HIS C 105 3.72 33.50 8.83
N GLY C 106 4.04 33.25 7.55
CA GLY C 106 4.16 34.32 6.57
C GLY C 106 5.55 34.69 6.09
N GLU C 107 6.54 33.83 6.34
CA GLU C 107 7.95 34.05 5.98
C GLU C 107 8.16 33.76 4.49
N ILE C 108 7.54 34.59 3.65
CA ILE C 108 7.59 34.42 2.22
C ILE C 108 9.05 34.44 1.72
N ASP C 109 9.93 35.21 2.35
CA ASP C 109 11.30 35.28 1.82
C ASP C 109 12.07 34.01 1.95
N ASN C 110 11.83 33.31 3.02
CA ASN C 110 12.43 32.04 3.25
C ASN C 110 11.89 30.99 2.30
N VAL C 111 10.60 31.11 1.93
CA VAL C 111 10.00 30.18 0.96
C VAL C 111 10.72 30.35 -0.36
N ARG C 112 10.99 31.62 -0.71
CA ARG C 112 11.70 32.00 -1.93
C ARG C 112 13.16 31.56 -1.91
N LYS C 113 13.84 31.87 -0.81
CA LYS C 113 15.25 31.57 -0.71
C LYS C 113 15.50 30.07 -0.67
N SER C 114 14.64 29.32 0.02
CA SER C 114 14.71 27.87 0.11
C SER C 114 14.56 27.26 -1.30
N MET C 115 13.65 27.80 -2.11
CA MET C 115 13.42 27.25 -3.45
C MET C 115 14.61 27.58 -4.34
N GLU C 116 15.20 28.75 -4.14
CA GLU C 116 16.33 29.12 -4.98
C GLU C 116 17.51 28.22 -4.70
N VAL C 117 17.82 28.09 -3.40
CA VAL C 117 19.02 27.40 -2.98
C VAL C 117 18.83 25.88 -3.14
N ASN C 118 17.70 25.35 -2.73
CA ASN C 118 17.57 23.92 -2.63
C ASN C 118 17.11 23.22 -3.91
N PHE C 119 16.47 24.01 -4.78
CA PHE C 119 15.84 23.56 -6.03
C PHE C 119 16.38 24.19 -7.31
N HIS C 120 16.12 25.48 -7.55
CA HIS C 120 16.47 26.10 -8.84
C HIS C 120 17.96 25.89 -9.13
N SER C 121 18.84 26.11 -8.12
CA SER C 121 20.28 25.89 -8.32
C SER C 121 20.58 24.46 -8.75
N PHE C 122 19.89 23.45 -8.19
CA PHE C 122 20.13 22.04 -8.58
C PHE C 122 19.84 21.91 -10.07
N VAL C 123 18.79 22.61 -10.54
CA VAL C 123 18.39 22.48 -11.95
C VAL C 123 19.46 23.18 -12.80
N VAL C 124 19.88 24.35 -12.37
CA VAL C 124 20.91 25.11 -13.10
C VAL C 124 22.20 24.30 -13.25
N LEU C 125 22.64 23.70 -12.14
CA LEU C 125 23.83 22.88 -12.09
C LEU C 125 23.74 21.75 -13.07
N SER C 126 22.62 21.04 -13.03
CA SER C 126 22.41 19.87 -13.90
C SER C 126 22.37 20.30 -15.37
N VAL C 127 21.78 21.46 -15.66
CA VAL C 127 21.73 21.90 -17.04
C VAL C 127 23.12 22.21 -17.55
N ALA C 128 23.90 22.90 -16.71
CA ALA C 128 25.25 23.29 -17.05
C ALA C 128 26.11 22.05 -17.22
N ALA C 129 25.82 21.04 -16.42
CA ALA C 129 26.58 19.77 -16.44
C ALA C 129 26.23 18.80 -17.55
N MET C 130 25.08 19.00 -18.18
CA MET C 130 24.49 17.93 -18.99
C MET C 130 25.31 17.54 -20.22
N PRO C 131 25.93 18.48 -20.91
CA PRO C 131 26.80 18.08 -22.06
C PRO C 131 27.95 17.14 -21.69
N MET C 132 28.70 17.47 -20.65
CA MET C 132 29.78 16.61 -20.10
C MET C 132 29.25 15.29 -19.56
N LEU C 133 28.14 15.32 -18.84
CA LEU C 133 27.49 14.08 -18.41
C LEU C 133 27.02 13.17 -19.56
N MET C 134 26.42 13.71 -20.61
CA MET C 134 26.09 12.95 -21.83
C MET C 134 27.35 12.35 -22.49
N GLN C 135 28.42 13.15 -22.60
CA GLN C 135 29.71 12.68 -23.15
C GLN C 135 30.26 11.47 -22.42
N SER C 136 30.20 11.49 -21.08
CA SER C 136 30.74 10.41 -20.28
C SER C 136 29.74 9.35 -19.80
N GLN C 137 28.48 9.46 -20.20
CA GLN C 137 27.38 8.62 -19.74
C GLN C 137 27.38 8.54 -18.22
N GLY C 138 27.40 9.72 -17.60
CA GLY C 138 27.60 9.82 -16.18
C GLY C 138 26.31 9.81 -15.39
N SER C 139 26.36 10.46 -14.22
CA SER C 139 25.33 10.24 -13.18
C SER C 139 25.10 11.54 -12.35
N ILE C 140 23.88 11.76 -11.86
CA ILE C 140 23.59 12.85 -10.90
C ILE C 140 23.01 12.25 -9.65
N ALA C 141 23.51 12.68 -8.49
CA ALA C 141 22.87 12.37 -7.21
C ALA C 141 22.13 13.59 -6.73
N VAL C 142 20.85 13.44 -6.47
CA VAL C 142 19.98 14.53 -5.98
C VAL C 142 19.65 14.25 -4.53
N VAL C 143 20.26 14.98 -3.61
CA VAL C 143 20.13 14.65 -2.20
C VAL C 143 18.92 15.35 -1.64
N SER C 144 17.98 14.52 -1.21
CA SER C 144 16.68 14.92 -0.67
C SER C 144 16.45 14.28 0.71
N SER C 145 15.19 14.06 1.10
CA SER C 145 14.84 13.76 2.47
C SER C 145 13.60 12.97 2.51
N VAL C 146 13.38 12.26 3.62
CA VAL C 146 12.09 11.68 3.94
C VAL C 146 11.06 12.80 3.80
N ALA C 147 11.43 14.01 4.22
CA ALA C 147 10.55 15.20 4.06
C ALA C 147 10.36 15.72 2.62
N GLY C 148 10.97 15.06 1.63
CA GLY C 148 10.61 15.31 0.25
C GLY C 148 9.72 14.20 -0.33
N LYS C 149 9.20 13.33 0.53
CA LYS C 149 8.25 12.26 0.19
C LYS C 149 7.00 12.29 1.07
N ILE C 150 7.14 12.72 2.32
CA ILE C 150 6.02 12.94 3.23
C ILE C 150 6.19 14.31 3.91
N THR C 151 5.20 14.80 4.70
CA THR C 151 5.32 16.10 5.35
C THR C 151 5.51 15.91 6.84
N TYR C 152 6.21 16.89 7.39
CA TYR C 152 6.58 17.04 8.79
C TYR C 152 6.27 18.46 9.22
N PRO C 153 5.55 18.67 10.32
CA PRO C 153 5.41 20.05 10.85
C PRO C 153 6.74 20.73 11.19
N LEU C 154 6.77 22.06 10.97
CA LEU C 154 7.83 23.00 11.24
C LEU C 154 8.87 23.23 10.17
N ILE C 155 8.73 22.53 9.03
CA ILE C 155 9.66 22.74 7.92
C ILE C 155 9.00 22.88 6.52
N ALA C 156 7.92 23.64 6.43
CA ALA C 156 7.17 23.80 5.18
C ALA C 156 8.05 24.33 4.01
N PRO C 157 8.84 25.38 4.19
CA PRO C 157 9.66 25.85 3.06
C PRO C 157 10.63 24.80 2.50
N TYR C 158 11.27 24.13 3.43
CA TYR C 158 12.27 23.14 3.06
C TYR C 158 11.59 22.00 2.37
N SER C 159 10.52 21.50 2.95
CA SER C 159 9.82 20.36 2.37
C SER C 159 9.24 20.64 0.93
N ALA C 160 8.71 21.84 0.71
CA ALA C 160 8.23 22.23 -0.61
C ALA C 160 9.38 22.14 -1.61
N SER C 161 10.56 22.63 -1.22
CA SER C 161 11.71 22.55 -2.13
C SER C 161 12.11 21.13 -2.43
N LYS C 162 12.07 20.26 -1.44
CA LYS C 162 12.44 18.86 -1.65
C LYS C 162 11.40 18.06 -2.48
N PHE C 163 10.09 18.32 -2.25
CA PHE C 163 9.03 17.76 -3.12
C PHE C 163 9.31 18.20 -4.56
N ALA C 164 9.64 19.46 -4.75
CA ALA C 164 9.84 19.93 -6.10
C ALA C 164 10.94 19.15 -6.81
N LEU C 165 12.05 18.88 -6.12
CA LEU C 165 13.14 18.08 -6.72
C LEU C 165 12.69 16.72 -7.23
N ASP C 166 11.76 16.08 -6.49
CA ASP C 166 11.21 14.79 -6.89
C ASP C 166 10.43 15.04 -8.20
N GLY C 167 9.50 15.97 -8.19
CA GLY C 167 8.70 16.19 -9.37
C GLY C 167 9.59 16.46 -10.59
N PHE C 168 10.64 17.27 -10.43
CA PHE C 168 11.45 17.67 -11.59
C PHE C 168 12.35 16.56 -12.11
N PHE C 169 13.18 16.05 -11.21
CA PHE C 169 14.17 15.08 -11.56
C PHE C 169 13.61 13.70 -11.93
N SER C 170 12.53 13.28 -11.33
CA SER C 170 11.94 12.01 -11.74
C SER C 170 11.30 12.12 -13.13
N THR C 171 10.85 13.33 -13.48
CA THR C 171 10.29 13.57 -14.79
C THR C 171 11.41 13.46 -15.80
N LEU C 172 12.52 14.15 -15.55
CA LEU C 172 13.72 14.14 -16.38
C LEU C 172 14.28 12.73 -16.60
N ARG C 173 14.30 11.92 -15.53
CA ARG C 173 14.68 10.49 -15.64
C ARG C 173 13.83 9.72 -16.64
N SER C 174 12.52 9.88 -16.52
CA SER C 174 11.58 9.22 -17.42
C SER C 174 11.86 9.60 -18.87
N GLU C 175 12.19 10.88 -19.09
CA GLU C 175 12.49 11.38 -20.42
C GLU C 175 13.78 10.81 -20.93
N PHE C 176 14.79 10.80 -20.08
CA PHE C 176 16.06 10.15 -20.43
C PHE C 176 15.86 8.65 -20.78
N LEU C 177 14.99 7.92 -20.07
CA LEU C 177 14.73 6.53 -20.35
C LEU C 177 14.12 6.39 -21.74
N VAL C 178 13.08 7.17 -22.05
CA VAL C 178 12.43 7.03 -23.36
C VAL C 178 13.35 7.42 -24.53
N ASN C 179 14.18 8.45 -24.33
CA ASN C 179 15.02 9.02 -25.37
C ASN C 179 16.38 8.36 -25.47
N LYS C 180 16.61 7.39 -24.60
CA LYS C 180 17.83 6.58 -24.59
C LYS C 180 19.05 7.48 -24.34
N VAL C 181 18.89 8.39 -23.38
CA VAL C 181 19.96 9.20 -22.84
C VAL C 181 20.58 8.49 -21.62
N ASN C 182 21.86 8.13 -21.69
CA ASN C 182 22.44 7.32 -20.64
C ASN C 182 23.12 8.17 -19.58
N VAL C 183 22.31 9.07 -18.99
CA VAL C 183 22.68 9.83 -17.78
C VAL C 183 21.69 9.40 -16.65
N SER C 184 22.20 8.77 -15.59
CA SER C 184 21.41 8.25 -14.48
C SER C 184 21.17 9.35 -13.48
N ILE C 185 20.04 9.23 -12.81
CA ILE C 185 19.61 10.23 -11.85
C ILE C 185 19.15 9.50 -10.62
N THR C 186 19.84 9.69 -9.51
CA THR C 186 19.52 8.97 -8.30
C THR C 186 19.00 9.93 -7.26
N LEU C 187 17.73 9.79 -6.88
CA LEU C 187 17.16 10.61 -5.80
C LEU C 187 17.44 9.92 -4.48
N CYS C 188 18.23 10.60 -3.66
CA CYS C 188 18.65 10.08 -2.32
C CYS C 188 17.70 10.55 -1.22
N ILE C 189 17.03 9.64 -0.58
CA ILE C 189 16.02 9.95 0.42
C ILE C 189 16.60 9.63 1.80
N LEU C 190 16.97 10.64 2.55
CA LEU C 190 17.60 10.47 3.82
C LEU C 190 16.68 10.76 4.98
N GLY C 191 16.79 9.91 5.99
CA GLY C 191 16.28 10.20 7.32
C GLY C 191 17.17 11.14 8.11
N LEU C 192 16.96 11.18 9.40
CA LEU C 192 17.69 12.08 10.28
C LEU C 192 19.11 11.55 10.35
N ILE C 193 20.09 12.37 10.03
CA ILE C 193 21.49 12.03 10.01
C ILE C 193 22.15 12.88 11.06
N ASP C 194 23.18 12.32 11.69
CA ASP C 194 23.80 13.02 12.84
C ASP C 194 24.82 14.13 12.56
N THR C 195 24.61 14.90 11.52
CA THR C 195 25.35 16.13 11.33
C THR C 195 24.98 17.11 12.43
N GLU C 196 25.84 18.13 12.58
CA GLU C 196 25.72 19.14 13.63
C GLU C 196 24.46 19.98 13.51
N THR C 197 24.24 20.46 12.29
CA THR C 197 23.05 21.21 11.90
C THR C 197 21.81 20.46 12.35
N ALA C 198 21.69 19.19 11.98
CA ALA C 198 20.53 18.42 12.39
C ALA C 198 20.33 18.32 13.90
N ILE C 199 21.37 17.91 14.62
CA ILE C 199 21.27 17.60 16.05
C ILE C 199 20.85 18.84 16.89
N LYS C 200 21.44 19.98 16.57
CA LYS C 200 21.13 21.26 17.18
C LYS C 200 19.70 21.75 16.88
N ALA C 201 19.38 21.73 15.59
CA ALA C 201 18.06 22.17 15.12
C ALA C 201 16.91 21.34 15.64
N THR C 202 17.13 20.05 15.91
CA THR C 202 16.10 19.21 16.47
C THR C 202 16.08 19.09 18.00
N SER C 203 17.12 19.59 18.67
CA SER C 203 17.25 19.43 20.13
C SER C 203 16.04 19.93 20.86
N GLY C 204 15.37 19.04 21.58
CA GLY C 204 14.17 19.38 22.31
C GLY C 204 12.86 19.31 21.54
N ILE C 205 12.92 19.13 20.22
CA ILE C 205 11.69 19.18 19.37
C ILE C 205 11.39 17.85 18.68
N TYR C 206 12.39 17.34 17.96
CA TYR C 206 12.22 16.09 17.17
C TYR C 206 13.12 15.01 17.79
N LEU C 207 12.52 13.92 18.25
CA LEU C 207 13.17 12.87 19.04
C LEU C 207 13.53 11.57 18.30
N GLY C 208 13.39 11.52 16.98
CA GLY C 208 13.82 10.34 16.24
C GLY C 208 15.31 9.96 16.42
N PRO C 209 15.69 8.69 16.26
CA PRO C 209 17.13 8.33 16.26
C PRO C 209 17.81 8.92 15.03
N ALA C 210 19.10 9.26 15.13
CA ALA C 210 19.88 9.76 13.99
C ALA C 210 20.87 8.70 13.52
N SER C 211 21.03 8.62 12.21
CA SER C 211 21.98 7.68 11.59
C SER C 211 23.33 8.35 11.35
N PRO C 212 24.41 7.57 11.24
CA PRO C 212 25.75 8.19 11.09
C PRO C 212 25.99 8.82 9.72
N LYS C 213 26.52 10.03 9.70
CA LYS C 213 26.85 10.73 8.49
C LYS C 213 27.90 10.03 7.60
N GLU C 214 28.80 9.23 8.21
CA GLU C 214 29.89 8.66 7.43
C GLU C 214 29.29 7.54 6.59
N GLU C 215 28.47 6.73 7.22
CA GLU C 215 27.73 5.71 6.53
C GLU C 215 26.80 6.35 5.48
N CYS C 216 26.09 7.42 5.87
CA CYS C 216 25.11 8.05 4.96
C CYS C 216 25.77 8.43 3.60
N ALA C 217 26.90 9.11 3.71
CA ALA C 217 27.73 9.56 2.62
C ALA C 217 28.18 8.42 1.68
N LEU C 218 28.54 7.28 2.27
CA LEU C 218 28.96 6.11 1.52
C LEU C 218 27.82 5.51 0.70
N GLU C 219 26.65 5.39 1.30
CA GLU C 219 25.47 4.86 0.64
C GLU C 219 25.01 5.76 -0.50
N ILE C 220 25.11 7.07 -0.36
CA ILE C 220 24.81 8.03 -1.46
C ILE C 220 25.72 7.71 -2.67
N ILE C 221 27.03 7.56 -2.42
CA ILE C 221 27.96 7.16 -3.49
C ILE C 221 27.60 5.81 -4.14
N LYS C 222 27.38 4.80 -3.30
CA LYS C 222 27.11 3.48 -3.75
C LYS C 222 25.85 3.48 -4.65
N GLY C 223 24.77 4.11 -4.21
CA GLY C 223 23.51 4.03 -4.96
C GLY C 223 23.62 4.73 -6.31
N THR C 224 24.30 5.85 -6.30
CA THR C 224 24.47 6.69 -7.51
C THR C 224 25.39 5.95 -8.50
N ALA C 225 26.46 5.34 -7.97
CA ALA C 225 27.35 4.55 -8.84
C ALA C 225 26.71 3.36 -9.48
N LEU C 226 25.85 2.67 -8.73
CA LEU C 226 24.99 1.61 -9.27
C LEU C 226 23.78 2.06 -10.11
N ARG C 227 23.65 3.39 -10.32
CA ARG C 227 22.63 3.96 -11.25
C ARG C 227 21.22 3.61 -10.80
N GLN C 228 21.03 3.60 -9.49
CA GLN C 228 19.72 3.43 -8.89
C GLN C 228 18.81 4.67 -9.11
N ASP C 229 17.54 4.44 -9.38
CA ASP C 229 16.54 5.53 -9.43
C ASP C 229 16.51 6.26 -8.08
N GLU C 230 16.40 5.42 -7.02
CA GLU C 230 16.31 5.90 -5.65
C GLU C 230 17.28 5.18 -4.72
N MET C 231 17.74 5.88 -3.68
CA MET C 231 18.62 5.32 -2.65
C MET C 231 17.99 5.80 -1.33
N TYR C 232 17.59 4.88 -0.46
CA TYR C 232 16.98 5.20 0.84
C TYR C 232 17.98 4.97 1.94
N TYR C 233 18.30 6.00 2.75
CA TYR C 233 19.07 5.77 3.96
C TYR C 233 18.40 6.42 5.16
N VAL C 234 17.62 5.62 5.87
CA VAL C 234 16.59 6.15 6.78
C VAL C 234 16.46 5.46 8.14
N GLY C 235 17.38 4.60 8.53
CA GLY C 235 17.37 4.11 9.90
C GLY C 235 16.47 2.92 10.17
N SER C 236 15.91 2.34 9.12
CA SER C 236 15.05 1.20 9.28
C SER C 236 15.00 0.49 7.95
N ARG C 237 14.94 -0.82 7.98
CA ARG C 237 14.86 -1.56 6.76
C ARG C 237 13.42 -1.54 6.21
N TRP C 238 12.45 -1.18 7.04
CA TRP C 238 11.06 -1.25 6.64
C TRP C 238 10.59 0.04 5.95
N VAL C 239 11.12 1.16 6.39
CA VAL C 239 10.64 2.46 5.92
C VAL C 239 10.80 2.72 4.43
N PRO C 240 11.89 2.31 3.82
CA PRO C 240 11.99 2.47 2.37
C PRO C 240 10.76 1.92 1.63
N TYR C 241 10.25 0.77 2.07
CA TYR C 241 9.07 0.17 1.41
C TYR C 241 7.80 1.00 1.63
N LEU C 242 7.69 1.67 2.78
CA LEU C 242 6.54 2.55 3.01
C LEU C 242 6.65 3.88 2.26
N LEU C 243 7.85 4.23 1.81
CA LEU C 243 8.10 5.48 1.08
C LEU C 243 8.16 5.25 -0.45
N GLY C 244 8.28 3.99 -0.83
CA GLY C 244 8.48 3.59 -2.22
C GLY C 244 7.28 3.83 -3.14
N ASN C 245 6.09 3.92 -2.57
CA ASN C 245 4.87 4.24 -3.26
C ASN C 245 4.68 3.36 -4.50
N PRO C 246 4.36 2.09 -4.34
CA PRO C 246 4.04 1.24 -5.52
C PRO C 246 2.87 1.73 -6.37
N GLY C 247 1.89 2.41 -5.78
CA GLY C 247 0.77 2.93 -6.54
C GLY C 247 1.23 3.98 -7.56
N ARG C 248 2.16 4.83 -7.15
CA ARG C 248 2.74 5.80 -8.07
C ARG C 248 3.46 5.07 -9.21
N LYS C 249 4.19 3.99 -8.89
CA LYS C 249 4.99 3.26 -9.89
C LYS C 249 4.06 2.62 -10.96
N ILE C 250 2.93 2.13 -10.47
CA ILE C 250 1.93 1.53 -11.32
C ILE C 250 1.35 2.60 -12.27
N MET C 251 0.84 3.68 -11.71
CA MET C 251 0.25 4.82 -12.49
C MET C 251 1.19 5.38 -13.53
N GLU C 252 2.49 5.43 -13.21
CA GLU C 252 3.47 5.92 -14.16
C GLU C 252 3.66 4.94 -15.32
N PHE C 253 3.68 3.65 -15.05
CA PHE C 253 3.90 2.67 -16.08
C PHE C 253 2.69 2.66 -17.02
N LEU C 254 1.49 2.65 -16.45
CA LEU C 254 0.28 2.66 -17.25
C LEU C 254 0.04 3.96 -18.04
N SER C 255 0.30 5.11 -17.44
CA SER C 255 0.15 6.39 -18.12
C SER C 255 1.07 6.55 -19.37
N ALA C 256 2.30 6.03 -19.27
CA ALA C 256 3.25 5.94 -20.39
C ALA C 256 2.71 5.29 -21.63
N ALA C 257 1.85 4.29 -21.48
CA ALA C 257 1.17 3.67 -22.61
C ALA C 257 0.16 4.61 -23.29
N GLU C 258 -0.19 5.73 -22.67
CA GLU C 258 -1.12 6.62 -23.30
C GLU C 258 -0.45 7.67 -24.23
N TYR C 259 0.85 7.71 -24.29
CA TYR C 259 1.52 8.67 -25.16
C TYR C 259 1.60 8.13 -26.60
N ASN C 260 1.45 9.02 -27.56
CA ASN C 260 1.73 8.67 -28.93
C ASN C 260 3.23 8.78 -29.19
N TRP C 261 4.00 7.75 -28.87
CA TRP C 261 5.49 7.84 -28.92
C TRP C 261 6.07 8.04 -30.32
N ASP C 262 5.39 7.54 -31.35
CA ASP C 262 5.70 7.92 -32.76
C ASP C 262 5.72 9.43 -33.08
N ASN C 263 4.69 10.17 -32.69
CA ASN C 263 4.75 11.64 -32.81
C ASN C 263 5.88 12.24 -31.88
N LYS D 1 -22.78 16.19 4.05
CA LYS D 1 -23.53 16.30 2.75
C LYS D 1 -23.63 17.74 2.24
N PHE D 2 -23.08 18.00 1.07
CA PHE D 2 -23.07 19.35 0.56
C PHE D 2 -24.48 19.89 0.20
N ARG D 3 -24.72 21.15 0.53
CA ARG D 3 -25.90 21.90 0.10
C ARG D 3 -25.43 23.20 -0.57
N PRO D 4 -26.01 23.59 -1.70
CA PRO D 4 -25.59 24.85 -2.34
C PRO D 4 -25.79 26.10 -1.48
N GLU D 5 -26.69 25.99 -0.51
CA GLU D 5 -26.93 27.07 0.44
C GLU D 5 -25.70 27.36 1.27
N MET D 6 -24.79 26.40 1.39
CA MET D 6 -23.49 26.62 2.07
C MET D 6 -22.65 27.77 1.46
N LEU D 7 -22.87 28.10 0.18
CA LEU D 7 -22.19 29.22 -0.46
C LEU D 7 -23.01 30.53 -0.63
N GLN D 8 -24.26 30.53 -0.20
CA GLN D 8 -25.09 31.74 -0.25
C GLN D 8 -24.50 32.88 0.61
N GLY D 9 -24.25 34.03 -0.01
CA GLY D 9 -23.63 35.16 0.67
C GLY D 9 -22.13 35.05 1.10
N LYS D 10 -21.50 33.92 0.79
CA LYS D 10 -20.07 33.72 1.06
C LYS D 10 -19.23 34.52 0.10
N LYS D 11 -18.05 34.89 0.54
CA LYS D 11 -17.18 35.78 -0.18
C LYS D 11 -15.98 35.02 -0.78
N VAL D 12 -15.90 34.93 -2.09
CA VAL D 12 -15.03 33.95 -2.77
C VAL D 12 -14.15 34.58 -3.83
N ILE D 13 -12.82 34.37 -3.72
CA ILE D 13 -11.90 34.67 -4.79
C ILE D 13 -11.74 33.38 -5.60
N VAL D 14 -11.75 33.56 -6.92
CA VAL D 14 -11.30 32.59 -7.94
C VAL D 14 -10.18 33.14 -8.84
N THR D 15 -8.99 32.50 -8.81
CA THR D 15 -7.94 32.89 -9.72
C THR D 15 -8.07 32.00 -10.98
N GLY D 16 -7.42 32.38 -12.05
CA GLY D 16 -7.46 31.65 -13.30
C GLY D 16 -8.92 31.50 -13.74
N ALA D 17 -9.72 32.56 -13.58
CA ALA D 17 -11.19 32.38 -13.75
C ALA D 17 -11.73 32.98 -15.07
N SER D 18 -10.86 33.29 -16.03
CA SER D 18 -11.33 33.84 -17.30
C SER D 18 -11.78 32.76 -18.26
N LYS D 19 -11.36 31.52 -18.03
CA LYS D 19 -11.72 30.41 -18.95
C LYS D 19 -11.55 29.07 -18.24
N GLY D 20 -11.81 27.96 -18.93
CA GLY D 20 -11.53 26.65 -18.32
C GLY D 20 -12.29 26.39 -17.00
N ILE D 21 -11.63 25.65 -16.11
CA ILE D 21 -12.20 25.21 -14.84
C ILE D 21 -12.58 26.43 -13.99
N GLY D 22 -11.66 27.38 -13.91
CA GLY D 22 -11.87 28.59 -13.17
C GLY D 22 -13.18 29.30 -13.52
N ARG D 23 -13.42 29.51 -14.80
CA ARG D 23 -14.64 30.14 -15.29
C ARG D 23 -15.80 29.30 -14.83
N GLU D 24 -15.71 27.97 -14.97
CA GLU D 24 -16.81 27.12 -14.55
C GLU D 24 -17.06 27.26 -13.05
N ILE D 25 -15.97 27.47 -12.27
CA ILE D 25 -16.08 27.55 -10.81
C ILE D 25 -16.85 28.84 -10.51
N ALA D 26 -16.45 29.92 -11.16
CA ALA D 26 -17.14 31.19 -11.01
C ALA D 26 -18.66 31.09 -11.32
N TYR D 27 -19.04 30.41 -12.39
CA TYR D 27 -20.45 30.27 -12.76
C TYR D 27 -21.24 29.54 -11.71
N HIS D 28 -20.69 28.46 -11.19
CA HIS D 28 -21.35 27.67 -10.17
C HIS D 28 -21.52 28.50 -8.92
N LEU D 29 -20.50 29.27 -8.56
CA LEU D 29 -20.63 30.06 -7.32
C LEU D 29 -21.75 31.15 -7.45
N ALA D 30 -21.77 31.76 -8.61
CA ALA D 30 -22.83 32.67 -9.03
C ALA D 30 -24.23 32.05 -8.87
N LYS D 31 -24.43 30.82 -9.36
CA LYS D 31 -25.72 30.12 -9.31
C LYS D 31 -26.10 29.88 -7.85
N MET D 32 -25.10 29.71 -6.98
CA MET D 32 -25.31 29.47 -5.54
C MET D 32 -25.50 30.75 -4.74
N GLY D 33 -25.36 31.88 -5.42
CA GLY D 33 -25.55 33.17 -4.79
C GLY D 33 -24.39 33.76 -3.99
N ALA D 34 -23.16 33.41 -4.34
CA ALA D 34 -21.97 33.92 -3.65
C ALA D 34 -21.60 35.31 -4.13
N HIS D 35 -20.85 36.06 -3.31
CA HIS D 35 -20.03 37.19 -3.71
C HIS D 35 -18.75 36.65 -4.41
N VAL D 36 -18.36 37.16 -5.59
CA VAL D 36 -17.10 36.67 -6.22
C VAL D 36 -16.20 37.79 -6.69
N VAL D 37 -14.88 37.58 -6.58
CA VAL D 37 -13.89 38.39 -7.24
C VAL D 37 -13.06 37.42 -8.11
N VAL D 38 -13.06 37.62 -9.40
CA VAL D 38 -12.33 36.77 -10.32
C VAL D 38 -11.08 37.52 -10.77
N THR D 39 -10.04 36.76 -11.09
CA THR D 39 -8.80 37.33 -11.63
C THR D 39 -8.18 36.37 -12.62
N ALA D 40 -7.34 36.99 -13.45
CA ALA D 40 -6.52 36.45 -14.55
C ALA D 40 -5.83 37.66 -15.18
N ARG D 41 -5.08 37.51 -16.27
CA ARG D 41 -4.48 38.66 -16.88
C ARG D 41 -5.45 39.35 -17.81
N SER D 42 -6.33 38.60 -18.44
CA SER D 42 -7.12 39.19 -19.53
C SER D 42 -8.34 39.97 -19.05
N LYS D 43 -8.30 41.31 -19.18
CA LYS D 43 -9.36 42.14 -18.67
C LYS D 43 -10.69 41.88 -19.45
N GLU D 44 -10.60 41.67 -20.76
CA GLU D 44 -11.81 41.45 -21.60
C GLU D 44 -12.52 40.15 -21.24
N ALA D 45 -11.73 39.08 -21.10
CA ALA D 45 -12.27 37.79 -20.74
C ALA D 45 -12.91 37.78 -19.33
N LEU D 46 -12.29 38.45 -18.37
CA LEU D 46 -12.85 38.57 -17.02
C LEU D 46 -14.16 39.31 -17.01
N GLN D 47 -14.28 40.34 -17.86
CA GLN D 47 -15.53 41.09 -17.88
C GLN D 47 -16.64 40.24 -18.34
N LYS D 48 -16.40 39.40 -19.35
CA LYS D 48 -17.44 38.50 -19.83
C LYS D 48 -17.94 37.61 -18.71
N VAL D 49 -16.99 37.09 -17.93
CA VAL D 49 -17.29 36.20 -16.83
C VAL D 49 -18.13 36.94 -15.75
N VAL D 50 -17.74 38.16 -15.44
CA VAL D 50 -18.44 38.91 -14.43
C VAL D 50 -19.91 39.20 -14.87
N ALA D 51 -20.14 39.58 -16.12
CA ALA D 51 -21.51 39.87 -16.57
C ALA D 51 -22.33 38.61 -16.50
N ARG D 52 -21.75 37.47 -16.93
CA ARG D 52 -22.44 36.19 -16.83
C ARG D 52 -22.75 35.81 -15.40
N CYS D 53 -21.82 36.04 -14.47
CA CYS D 53 -22.07 35.76 -13.03
C CYS D 53 -23.26 36.56 -12.44
N LEU D 54 -23.35 37.84 -12.80
CA LEU D 54 -24.46 38.70 -12.36
C LEU D 54 -25.77 38.12 -12.87
N GLU D 55 -25.78 37.69 -14.13
CA GLU D 55 -27.00 37.15 -14.74
C GLU D 55 -27.44 35.84 -14.06
N LEU D 56 -26.44 35.09 -13.58
CA LEU D 56 -26.65 33.76 -13.03
C LEU D 56 -27.11 33.81 -11.59
N GLY D 57 -26.99 34.99 -11.00
CA GLY D 57 -27.49 35.17 -9.67
C GLY D 57 -26.49 35.48 -8.61
N ALA D 58 -25.28 35.90 -8.97
CA ALA D 58 -24.23 36.24 -8.01
C ALA D 58 -24.74 37.35 -7.06
N ALA D 59 -24.33 37.33 -5.79
CA ALA D 59 -24.70 38.43 -4.90
C ALA D 59 -23.99 39.70 -5.31
N SER D 60 -22.84 39.55 -5.96
CA SER D 60 -21.90 40.62 -6.21
C SER D 60 -20.91 39.96 -7.15
N ALA D 61 -20.32 40.69 -8.12
CA ALA D 61 -19.22 40.12 -8.91
C ALA D 61 -18.32 41.20 -9.45
N HIS D 62 -17.03 41.06 -9.24
CA HIS D 62 -16.05 42.06 -9.62
C HIS D 62 -14.86 41.28 -10.23
N TYR D 63 -14.00 41.98 -10.93
CA TYR D 63 -12.79 41.38 -11.43
C TYR D 63 -11.66 42.36 -11.17
N ILE D 64 -10.45 41.82 -11.10
CA ILE D 64 -9.19 42.59 -11.04
C ILE D 64 -8.22 41.84 -11.92
N ALA D 65 -7.65 42.55 -12.88
CA ALA D 65 -6.85 41.88 -13.88
C ALA D 65 -5.38 42.08 -13.52
N GLY D 66 -4.59 41.02 -13.63
CA GLY D 66 -3.16 41.13 -13.49
C GLY D 66 -2.41 39.80 -13.57
N SER D 67 -1.09 39.88 -13.57
CA SER D 67 -0.25 38.66 -13.64
C SER D 67 0.29 38.17 -12.31
N MET D 68 0.13 36.88 -12.08
CA MET D 68 0.52 36.23 -10.82
C MET D 68 2.04 35.88 -10.83
N GLU D 69 2.72 36.28 -11.90
CA GLU D 69 4.20 36.34 -11.91
C GLU D 69 4.69 37.51 -11.02
N ASP D 70 3.80 38.43 -10.68
CA ASP D 70 4.21 39.66 -9.98
C ASP D 70 3.67 39.53 -8.56
N MET D 71 4.59 39.35 -7.61
CA MET D 71 4.16 39.04 -6.26
C MET D 71 3.52 40.25 -5.59
N THR D 72 3.85 41.44 -6.05
CA THR D 72 3.23 42.65 -5.52
C THR D 72 1.76 42.80 -5.92
N PHE D 73 1.47 42.54 -7.18
CA PHE D 73 0.10 42.35 -7.62
C PHE D 73 -0.65 41.33 -6.77
N ALA D 74 -0.05 40.16 -6.53
CA ALA D 74 -0.76 39.11 -5.80
C ALA D 74 -1.17 39.60 -4.43
N GLU D 75 -0.23 40.19 -3.71
CA GLU D 75 -0.49 40.79 -2.37
C GLU D 75 -1.62 41.85 -2.42
N GLU D 76 -1.52 42.78 -3.35
CA GLU D 76 -2.50 43.88 -3.47
C GLU D 76 -3.87 43.42 -3.95
N PHE D 77 -3.87 42.39 -4.80
CA PHE D 77 -5.05 41.83 -5.32
C PHE D 77 -5.90 41.37 -4.15
N VAL D 78 -5.34 40.64 -3.19
CA VAL D 78 -6.15 40.09 -2.09
C VAL D 78 -6.81 41.20 -1.20
N ALA D 79 -6.03 42.22 -0.91
CA ALA D 79 -6.49 43.28 -0.02
C ALA D 79 -7.64 44.02 -0.71
N GLU D 80 -7.49 44.27 -2.00
CA GLU D 80 -8.55 44.90 -2.78
C GLU D 80 -9.79 44.04 -2.93
N ALA D 81 -9.59 42.74 -3.17
CA ALA D 81 -10.72 41.80 -3.28
C ALA D 81 -11.47 41.69 -1.96
N GLY D 82 -10.71 41.67 -0.88
CA GLY D 82 -11.26 41.69 0.46
C GLY D 82 -12.05 43.00 0.75
N ASN D 83 -11.57 44.17 0.32
CA ASN D 83 -12.30 45.46 0.49
C ASN D 83 -13.59 45.48 -0.37
N LEU D 84 -13.55 44.84 -1.51
CA LEU D 84 -14.69 44.81 -2.42
C LEU D 84 -15.85 43.99 -1.85
N MET D 85 -15.52 42.98 -1.05
CA MET D 85 -16.54 42.09 -0.58
C MET D 85 -16.85 42.29 0.88
N GLY D 86 -16.02 43.06 1.56
CA GLY D 86 -16.10 43.18 3.02
C GLY D 86 -15.66 41.94 3.77
N GLY D 87 -14.65 41.24 3.24
CA GLY D 87 -14.12 40.06 3.92
C GLY D 87 -13.84 38.94 2.90
N LEU D 88 -13.50 37.77 3.40
CA LEU D 88 -13.16 36.59 2.56
C LEU D 88 -13.45 35.32 3.32
N ASP D 89 -14.25 34.44 2.73
CA ASP D 89 -14.56 33.13 3.26
C ASP D 89 -13.84 31.96 2.55
N MET D 90 -13.53 32.13 1.26
CA MET D 90 -12.93 31.03 0.50
C MET D 90 -11.97 31.61 -0.60
N LEU D 91 -10.78 31.00 -0.72
CA LEU D 91 -9.76 31.42 -1.65
C LEU D 91 -9.51 30.21 -2.56
N ILE D 92 -9.89 30.29 -3.83
CA ILE D 92 -9.69 29.21 -4.80
C ILE D 92 -8.50 29.59 -5.69
N LEU D 93 -7.43 28.84 -5.51
CA LEU D 93 -6.19 29.02 -6.22
C LEU D 93 -6.08 28.04 -7.35
N ASN D 94 -6.41 28.51 -8.55
CA ASN D 94 -6.67 27.68 -9.72
C ASN D 94 -5.76 28.02 -10.90
N HIS D 95 -5.26 29.24 -10.97
CA HIS D 95 -4.39 29.63 -12.07
C HIS D 95 -3.10 28.78 -12.27
N VAL D 96 -2.69 28.72 -13.52
CA VAL D 96 -1.47 27.98 -13.89
C VAL D 96 -0.87 28.57 -15.15
N LEU D 97 0.45 28.56 -15.24
CA LEU D 97 1.15 29.03 -16.44
C LEU D 97 0.92 28.11 -17.61
N TYR D 98 0.55 28.69 -18.78
CA TYR D 98 0.40 27.91 -19.98
C TYR D 98 1.72 27.22 -20.37
N ASN D 99 1.72 25.92 -20.61
CA ASN D 99 3.01 25.28 -21.01
C ASN D 99 2.61 24.31 -22.19
N ARG D 100 3.58 23.75 -22.88
CA ARG D 100 3.29 22.77 -23.90
C ARG D 100 4.07 21.51 -23.59
N LEU D 101 3.60 20.36 -24.11
CA LEU D 101 4.19 19.08 -23.78
C LEU D 101 5.42 18.92 -24.68
N THR D 102 6.61 19.03 -24.11
CA THR D 102 7.84 19.00 -24.92
C THR D 102 8.89 18.41 -24.01
N PHE D 103 9.86 17.66 -24.52
CA PHE D 103 10.92 17.12 -23.64
C PHE D 103 11.70 18.35 -23.07
N PHE D 104 12.20 18.23 -21.84
CA PHE D 104 13.06 19.29 -21.22
C PHE D 104 14.39 19.37 -21.98
N HIS D 105 14.67 20.55 -22.53
CA HIS D 105 15.93 20.82 -23.20
C HIS D 105 16.68 21.93 -22.50
N GLY D 106 16.64 21.97 -21.17
CA GLY D 106 17.38 22.98 -20.45
C GLY D 106 16.80 24.39 -20.41
N GLU D 107 15.50 24.51 -20.56
CA GLU D 107 14.81 25.80 -20.52
C GLU D 107 14.64 26.33 -19.09
N ILE D 108 15.72 26.89 -18.55
CA ILE D 108 15.74 27.32 -17.14
C ILE D 108 14.79 28.44 -16.88
N ASP D 109 14.64 29.35 -17.83
CA ASP D 109 13.75 30.49 -17.56
C ASP D 109 12.30 30.02 -17.35
N ASN D 110 11.90 28.97 -18.04
CA ASN D 110 10.56 28.42 -17.91
C ASN D 110 10.32 27.71 -16.59
N VAL D 111 11.35 27.01 -16.08
CA VAL D 111 11.31 26.45 -14.71
C VAL D 111 11.08 27.52 -13.70
N ARG D 112 11.82 28.61 -13.84
CA ARG D 112 11.69 29.73 -12.91
C ARG D 112 10.27 30.37 -12.98
N LYS D 113 9.79 30.70 -14.19
CA LYS D 113 8.48 31.29 -14.36
C LYS D 113 7.35 30.33 -13.94
N SER D 114 7.52 29.05 -14.18
CA SER D 114 6.50 28.10 -13.73
C SER D 114 6.38 28.10 -12.20
N MET D 115 7.54 28.11 -11.57
CA MET D 115 7.57 28.02 -10.12
C MET D 115 6.95 29.33 -9.54
N GLU D 116 7.15 30.46 -10.22
CA GLU D 116 6.59 31.73 -9.74
C GLU D 116 5.09 31.76 -9.84
N VAL D 117 4.57 31.45 -11.02
CA VAL D 117 3.16 31.59 -11.33
C VAL D 117 2.32 30.51 -10.64
N ASN D 118 2.86 29.30 -10.60
CA ASN D 118 2.12 28.10 -10.13
C ASN D 118 2.21 27.78 -8.67
N PHE D 119 3.33 28.23 -8.06
CA PHE D 119 3.68 27.91 -6.69
C PHE D 119 3.84 29.16 -5.86
N HIS D 120 4.85 29.99 -6.12
CA HIS D 120 5.12 31.07 -5.19
C HIS D 120 3.95 32.04 -5.00
N SER D 121 3.29 32.38 -6.09
CA SER D 121 2.08 33.20 -6.00
C SER D 121 0.93 32.58 -5.12
N PHE D 122 0.71 31.24 -5.17
CA PHE D 122 -0.25 30.57 -4.32
C PHE D 122 0.13 30.87 -2.83
N VAL D 123 1.41 30.81 -2.51
CA VAL D 123 1.85 31.05 -1.14
C VAL D 123 1.64 32.49 -0.77
N VAL D 124 2.06 33.37 -1.65
CA VAL D 124 1.85 34.81 -1.44
C VAL D 124 0.37 35.17 -1.25
N LEU D 125 -0.53 34.65 -2.10
CA LEU D 125 -1.96 34.93 -1.94
C LEU D 125 -2.49 34.37 -0.64
N SER D 126 -2.00 33.18 -0.27
CA SER D 126 -2.49 32.59 0.94
C SER D 126 -2.14 33.41 2.19
N VAL D 127 -0.90 33.85 2.22
CA VAL D 127 -0.40 34.64 3.35
C VAL D 127 -1.20 35.97 3.40
N ALA D 128 -1.45 36.64 2.27
CA ALA D 128 -2.26 37.90 2.25
C ALA D 128 -3.64 37.71 2.74
N ALA D 129 -4.20 36.53 2.47
CA ALA D 129 -5.55 36.24 2.81
C ALA D 129 -5.74 35.71 4.22
N MET D 130 -4.67 35.23 4.85
CA MET D 130 -4.81 34.44 6.07
C MET D 130 -5.55 35.18 7.21
N PRO D 131 -5.27 36.43 7.53
CA PRO D 131 -6.06 37.19 8.54
C PRO D 131 -7.56 37.13 8.31
N MET D 132 -8.00 37.46 7.10
CA MET D 132 -9.41 37.43 6.74
C MET D 132 -10.02 36.05 6.87
N LEU D 133 -9.28 35.01 6.44
CA LEU D 133 -9.73 33.65 6.51
C LEU D 133 -9.75 33.10 7.95
N MET D 134 -8.80 33.45 8.80
CA MET D 134 -8.97 33.10 10.23
C MET D 134 -10.24 33.72 10.89
N GLN D 135 -10.51 34.97 10.55
CA GLN D 135 -11.73 35.66 10.98
C GLN D 135 -13.01 34.95 10.59
N SER D 136 -13.05 34.39 9.37
CA SER D 136 -14.27 33.82 8.86
C SER D 136 -14.32 32.31 9.04
N GLN D 137 -13.28 31.75 9.62
CA GLN D 137 -13.06 30.33 9.68
C GLN D 137 -13.24 29.69 8.32
N GLY D 138 -12.52 30.26 7.38
CA GLY D 138 -12.69 29.95 5.95
C GLY D 138 -11.82 28.81 5.43
N SER D 139 -11.61 28.78 4.11
CA SER D 139 -11.05 27.64 3.43
C SER D 139 -10.21 28.13 2.21
N ILE D 140 -9.24 27.30 1.81
CA ILE D 140 -8.40 27.51 0.66
C ILE D 140 -8.50 26.25 -0.17
N ALA D 141 -8.84 26.43 -1.45
CA ALA D 141 -8.67 25.36 -2.44
C ALA D 141 -7.35 25.57 -3.19
N VAL D 142 -6.51 24.56 -3.13
CA VAL D 142 -5.28 24.50 -3.87
C VAL D 142 -5.45 23.54 -5.07
N VAL D 143 -5.55 24.08 -6.28
CA VAL D 143 -5.77 23.23 -7.48
C VAL D 143 -4.47 22.67 -8.01
N SER D 144 -4.40 21.35 -7.95
CA SER D 144 -3.26 20.62 -8.39
C SER D 144 -3.71 19.58 -9.43
N SER D 145 -2.94 18.52 -9.52
CA SER D 145 -3.03 17.58 -10.65
C SER D 145 -2.56 16.22 -10.21
N VAL D 146 -2.98 15.16 -10.92
CA VAL D 146 -2.31 13.87 -10.76
C VAL D 146 -0.78 14.04 -10.94
N ALA D 147 -0.39 14.92 -11.85
CA ALA D 147 1.01 15.26 -12.09
C ALA D 147 1.71 15.99 -10.94
N GLY D 148 0.96 16.29 -9.89
CA GLY D 148 1.53 16.76 -8.61
C GLY D 148 1.53 15.67 -7.50
N LYS D 149 1.24 14.41 -7.93
CA LYS D 149 1.41 13.18 -7.10
C LYS D 149 2.27 12.05 -7.77
N ILE D 150 2.38 12.06 -9.10
CA ILE D 150 3.19 11.12 -9.91
C ILE D 150 3.72 11.98 -11.04
N THR D 151 4.75 11.49 -11.70
CA THR D 151 5.29 12.24 -12.80
C THR D 151 4.79 11.74 -14.14
N TYR D 152 4.89 12.65 -15.09
CA TYR D 152 4.54 12.43 -16.48
C TYR D 152 5.64 13.01 -17.37
N PRO D 153 6.07 12.23 -18.35
CA PRO D 153 7.02 12.84 -19.33
C PRO D 153 6.41 14.10 -19.98
N LEU D 154 7.27 15.08 -20.33
CA LEU D 154 7.00 16.26 -21.15
C LEU D 154 6.44 17.51 -20.38
N ILE D 155 6.36 17.37 -19.06
CA ILE D 155 5.87 18.43 -18.23
C ILE D 155 6.65 18.64 -16.94
N ALA D 156 7.99 18.49 -16.99
CA ALA D 156 8.82 18.61 -15.78
C ALA D 156 8.66 19.94 -15.01
N PRO D 157 8.69 21.10 -15.68
CA PRO D 157 8.54 22.38 -14.95
C PRO D 157 7.20 22.50 -14.17
N TYR D 158 6.10 22.08 -14.79
CA TYR D 158 4.74 22.09 -14.22
C TYR D 158 4.66 21.12 -13.06
N SER D 159 5.15 19.89 -13.21
CA SER D 159 5.04 18.88 -12.18
C SER D 159 5.85 19.31 -10.93
N ALA D 160 7.02 19.87 -11.16
CA ALA D 160 7.83 20.33 -10.07
C ALA D 160 7.03 21.36 -9.24
N SER D 161 6.38 22.31 -9.90
CA SER D 161 5.63 23.32 -9.17
C SER D 161 4.44 22.72 -8.45
N LYS D 162 3.80 21.70 -9.04
CA LYS D 162 2.65 21.07 -8.40
C LYS D 162 3.02 20.18 -7.19
N PHE D 163 4.09 19.41 -7.33
CA PHE D 163 4.63 18.65 -6.18
C PHE D 163 4.95 19.63 -5.02
N ALA D 164 5.53 20.76 -5.37
CA ALA D 164 5.91 21.79 -4.42
C ALA D 164 4.68 22.25 -3.60
N LEU D 165 3.52 22.41 -4.27
CA LEU D 165 2.27 22.77 -3.60
C LEU D 165 1.87 21.77 -2.52
N ASP D 166 2.05 20.49 -2.81
CA ASP D 166 1.66 19.43 -1.92
C ASP D 166 2.56 19.51 -0.69
N GLY D 167 3.85 19.60 -0.88
CA GLY D 167 4.73 19.65 0.30
C GLY D 167 4.50 20.85 1.19
N PHE D 168 4.27 22.00 0.56
CA PHE D 168 3.99 23.25 1.28
C PHE D 168 2.66 23.21 2.00
N PHE D 169 1.56 22.99 1.26
CA PHE D 169 0.22 23.14 1.82
C PHE D 169 -0.18 22.02 2.72
N SER D 170 0.35 20.83 2.46
CA SER D 170 0.05 19.71 3.32
C SER D 170 0.75 19.89 4.67
N THR D 171 1.97 20.44 4.63
CA THR D 171 2.67 20.76 5.86
C THR D 171 1.83 21.83 6.61
N LEU D 172 1.43 22.88 5.92
CA LEU D 172 0.62 23.92 6.59
C LEU D 172 -0.65 23.40 7.32
N ARG D 173 -1.41 22.53 6.63
CA ARG D 173 -2.59 21.88 7.16
C ARG D 173 -2.27 21.11 8.47
N SER D 174 -1.16 20.40 8.47
CA SER D 174 -0.77 19.66 9.65
C SER D 174 -0.45 20.63 10.82
N GLU D 175 0.19 21.76 10.52
CA GLU D 175 0.49 22.73 11.56
C GLU D 175 -0.82 23.41 12.08
N PHE D 176 -1.69 23.74 11.16
CA PHE D 176 -3.01 24.25 11.50
C PHE D 176 -3.85 23.26 12.34
N LEU D 177 -3.74 21.96 12.08
CA LEU D 177 -4.42 20.96 12.88
C LEU D 177 -3.87 20.94 14.33
N VAL D 178 -2.55 20.80 14.49
CA VAL D 178 -1.97 20.83 15.86
C VAL D 178 -2.25 22.15 16.61
N ASN D 179 -2.25 23.26 15.88
CA ASN D 179 -2.52 24.56 16.51
C ASN D 179 -4.00 24.96 16.57
N LYS D 180 -4.92 24.10 16.12
CA LYS D 180 -6.35 24.42 16.22
C LYS D 180 -6.74 25.68 15.46
N VAL D 181 -6.10 25.87 14.32
CA VAL D 181 -6.40 27.00 13.45
C VAL D 181 -7.54 26.51 12.57
N ASN D 182 -8.59 27.34 12.46
CA ASN D 182 -9.86 26.97 11.87
C ASN D 182 -9.91 27.41 10.40
N VAL D 183 -8.84 27.13 9.67
CA VAL D 183 -8.76 27.43 8.23
C VAL D 183 -8.43 26.09 7.57
N SER D 184 -9.37 25.57 6.75
CA SER D 184 -9.14 24.29 6.03
C SER D 184 -8.45 24.47 4.73
N ILE D 185 -7.76 23.42 4.32
CA ILE D 185 -6.94 23.50 3.15
C ILE D 185 -7.18 22.26 2.42
N THR D 186 -7.71 22.38 1.21
CA THR D 186 -8.08 21.24 0.36
C THR D 186 -7.24 21.15 -0.88
N LEU D 187 -6.38 20.14 -0.94
CA LEU D 187 -5.56 19.90 -2.10
C LEU D 187 -6.42 19.20 -3.15
N CYS D 188 -6.71 19.88 -4.26
CA CYS D 188 -7.47 19.26 -5.37
C CYS D 188 -6.61 18.54 -6.42
N ILE D 189 -6.80 17.23 -6.50
CA ILE D 189 -6.06 16.38 -7.43
C ILE D 189 -6.94 16.06 -8.65
N LEU D 190 -6.61 16.72 -9.76
CA LEU D 190 -7.35 16.55 -11.02
C LEU D 190 -6.63 15.69 -12.03
N GLY D 191 -7.38 14.78 -12.64
CA GLY D 191 -6.92 14.16 -13.87
C GLY D 191 -7.13 15.02 -15.07
N LEU D 192 -7.07 14.40 -16.25
CA LEU D 192 -7.24 15.18 -17.50
C LEU D 192 -8.66 15.71 -17.58
N ILE D 193 -8.78 16.99 -17.87
CA ILE D 193 -10.10 17.69 -17.93
C ILE D 193 -10.23 18.32 -19.30
N ASP D 194 -11.45 18.31 -19.84
CA ASP D 194 -11.79 18.77 -21.20
C ASP D 194 -11.84 20.30 -21.43
N THR D 195 -10.92 21.02 -20.82
CA THR D 195 -10.75 22.40 -21.11
C THR D 195 -10.02 22.49 -22.49
N GLU D 196 -10.27 23.62 -23.10
CA GLU D 196 -9.76 23.97 -24.39
C GLU D 196 -8.23 23.82 -24.30
N THR D 197 -7.66 24.37 -23.25
CA THR D 197 -6.16 24.25 -23.04
C THR D 197 -5.65 22.80 -23.09
N ALA D 198 -6.31 21.90 -22.33
CA ALA D 198 -5.88 20.52 -22.27
C ALA D 198 -6.11 19.77 -23.58
N ILE D 199 -7.30 19.94 -24.17
CA ILE D 199 -7.56 19.27 -25.43
C ILE D 199 -6.48 19.59 -26.50
N LYS D 200 -6.26 20.86 -26.78
CA LYS D 200 -5.27 21.23 -27.74
C LYS D 200 -3.85 20.83 -27.35
N ALA D 201 -3.47 20.99 -26.08
CA ALA D 201 -2.11 20.69 -25.66
C ALA D 201 -1.76 19.20 -25.70
N THR D 202 -2.78 18.32 -25.54
CA THR D 202 -2.51 16.86 -25.60
C THR D 202 -2.74 16.25 -26.97
N SER D 203 -3.30 17.00 -27.92
CA SER D 203 -3.74 16.46 -29.19
C SER D 203 -2.55 15.93 -29.97
N GLY D 204 -2.56 14.62 -30.25
CA GLY D 204 -1.50 13.96 -30.97
C GLY D 204 -0.29 13.60 -30.13
N ILE D 205 -0.44 13.81 -28.83
CA ILE D 205 0.65 13.54 -27.91
C ILE D 205 0.29 12.58 -26.80
N TYR D 206 -0.71 12.94 -26.03
CA TYR D 206 -1.19 12.20 -24.86
C TYR D 206 -2.66 11.84 -25.08
N LEU D 207 -2.98 10.55 -25.08
CA LEU D 207 -4.29 10.12 -25.56
C LEU D 207 -5.23 9.56 -24.49
N GLY D 208 -4.92 9.75 -23.22
CA GLY D 208 -5.85 9.41 -22.13
C GLY D 208 -7.20 10.09 -22.15
N PRO D 209 -8.22 9.46 -21.55
CA PRO D 209 -9.56 10.07 -21.42
C PRO D 209 -9.58 11.33 -20.56
N ALA D 210 -10.43 12.29 -20.94
CA ALA D 210 -10.68 13.51 -20.17
C ALA D 210 -12.04 13.50 -19.49
N SER D 211 -12.13 14.17 -18.35
CA SER D 211 -13.40 14.30 -17.69
C SER D 211 -13.98 15.72 -17.90
N PRO D 212 -15.28 15.89 -17.71
CA PRO D 212 -15.97 17.16 -17.95
C PRO D 212 -15.71 18.30 -16.97
N LYS D 213 -15.39 19.47 -17.51
CA LYS D 213 -14.96 20.64 -16.76
C LYS D 213 -16.03 21.20 -15.88
N GLU D 214 -17.29 21.13 -16.29
CA GLU D 214 -18.36 21.65 -15.42
C GLU D 214 -18.49 20.89 -14.06
N GLU D 215 -18.53 19.58 -14.12
CA GLU D 215 -18.59 18.78 -12.94
C GLU D 215 -17.26 18.88 -12.14
N CYS D 216 -16.14 18.89 -12.82
CA CYS D 216 -14.83 19.17 -12.18
C CYS D 216 -14.90 20.41 -11.27
N ALA D 217 -15.38 21.52 -11.82
CA ALA D 217 -15.57 22.75 -11.05
C ALA D 217 -16.47 22.59 -9.84
N LEU D 218 -17.57 21.83 -9.99
CA LEU D 218 -18.53 21.71 -8.91
C LEU D 218 -17.88 20.86 -7.79
N GLU D 219 -17.15 19.82 -8.18
CA GLU D 219 -16.43 19.00 -7.19
C GLU D 219 -15.35 19.75 -6.38
N ILE D 220 -14.65 20.70 -6.97
CA ILE D 220 -13.70 21.54 -6.25
C ILE D 220 -14.44 22.32 -5.21
N ILE D 221 -15.52 22.96 -5.65
CA ILE D 221 -16.29 23.78 -4.70
C ILE D 221 -16.78 22.92 -3.50
N LYS D 222 -17.38 21.78 -3.80
CA LYS D 222 -18.00 20.89 -2.79
C LYS D 222 -16.92 20.39 -1.84
N GLY D 223 -15.85 19.85 -2.38
CA GLY D 223 -14.87 19.29 -1.50
C GLY D 223 -14.21 20.33 -0.61
N THR D 224 -14.04 21.55 -1.13
CA THR D 224 -13.54 22.65 -0.38
C THR D 224 -14.54 23.16 0.65
N ALA D 225 -15.83 23.31 0.30
CA ALA D 225 -16.80 23.76 1.31
C ALA D 225 -16.95 22.77 2.48
N LEU D 226 -16.84 21.49 2.18
CA LEU D 226 -16.85 20.37 3.15
C LEU D 226 -15.52 20.18 3.92
N ARG D 227 -14.53 21.03 3.61
CA ARG D 227 -13.30 21.11 4.34
C ARG D 227 -12.52 19.80 4.30
N GLN D 228 -12.53 19.12 3.15
CA GLN D 228 -11.77 17.86 2.99
C GLN D 228 -10.29 18.16 2.85
N ASP D 229 -9.46 17.20 3.29
CA ASP D 229 -8.01 17.37 3.16
C ASP D 229 -7.65 17.38 1.70
N GLU D 230 -8.18 16.40 0.98
CA GLU D 230 -7.94 16.24 -0.45
C GLU D 230 -9.24 16.01 -1.18
N MET D 231 -9.26 16.36 -2.45
CA MET D 231 -10.45 16.14 -3.30
C MET D 231 -9.91 15.60 -4.61
N TYR D 232 -10.24 14.36 -4.95
CA TYR D 232 -9.80 13.74 -6.19
C TYR D 232 -10.91 13.75 -7.23
N TYR D 233 -10.59 14.21 -8.43
CA TYR D 233 -11.48 14.12 -9.58
C TYR D 233 -10.70 13.65 -10.78
N VAL D 234 -10.66 12.35 -10.96
CA VAL D 234 -9.66 11.75 -11.88
C VAL D 234 -10.23 10.72 -12.87
N GLY D 235 -11.54 10.60 -12.90
CA GLY D 235 -12.15 9.77 -13.92
C GLY D 235 -12.31 8.35 -13.44
N SER D 236 -12.02 8.09 -12.17
CA SER D 236 -11.98 6.71 -11.63
C SER D 236 -12.29 6.77 -10.13
N ARG D 237 -13.08 5.82 -9.62
CA ARG D 237 -13.28 5.69 -8.15
C ARG D 237 -12.07 5.03 -7.56
N TRP D 238 -11.28 4.29 -8.38
CA TRP D 238 -10.17 3.46 -7.85
C TRP D 238 -8.83 4.22 -7.75
N VAL D 239 -8.52 4.95 -8.80
CA VAL D 239 -7.24 5.61 -8.86
C VAL D 239 -6.92 6.49 -7.62
N PRO D 240 -7.88 7.21 -7.01
CA PRO D 240 -7.55 8.04 -5.85
C PRO D 240 -6.87 7.31 -4.67
N TYR D 241 -7.21 6.03 -4.54
CA TYR D 241 -6.49 5.21 -3.60
C TYR D 241 -5.04 4.85 -4.01
N LEU D 242 -4.74 4.73 -5.30
CA LEU D 242 -3.34 4.53 -5.75
C LEU D 242 -2.48 5.80 -5.81
N LEU D 243 -3.13 6.98 -5.65
CA LEU D 243 -2.50 8.30 -5.51
C LEU D 243 -2.46 8.80 -4.08
N GLY D 244 -3.39 8.33 -3.25
CA GLY D 244 -3.50 8.73 -1.86
C GLY D 244 -2.31 8.37 -0.98
N ASN D 245 -1.49 7.40 -1.44
CA ASN D 245 -0.24 6.98 -0.81
C ASN D 245 -0.45 6.50 0.63
N PRO D 246 -0.97 5.27 0.80
CA PRO D 246 -1.23 4.72 2.16
C PRO D 246 0.03 4.74 3.07
N GLY D 247 1.14 4.39 2.43
CA GLY D 247 2.43 4.44 3.09
C GLY D 247 2.75 5.83 3.68
N ARG D 248 2.48 6.89 2.93
CA ARG D 248 2.74 8.25 3.43
C ARG D 248 1.82 8.57 4.62
N LYS D 249 0.57 8.13 4.52
CA LYS D 249 -0.41 8.39 5.59
C LYS D 249 0.00 7.69 6.90
N ILE D 250 0.54 6.47 6.76
CA ILE D 250 1.05 5.69 7.90
C ILE D 250 2.26 6.40 8.55
N MET D 251 3.25 6.73 7.75
CA MET D 251 4.42 7.45 8.20
C MET D 251 4.11 8.80 8.86
N GLU D 252 3.12 9.53 8.34
CA GLU D 252 2.83 10.83 8.90
C GLU D 252 2.15 10.63 10.25
N PHE D 253 1.20 9.71 10.31
CA PHE D 253 0.53 9.31 11.55
C PHE D 253 1.55 8.87 12.61
N LEU D 254 2.49 7.99 12.24
CA LEU D 254 3.44 7.47 13.20
C LEU D 254 4.40 8.57 13.64
N SER D 255 4.61 9.55 12.76
CA SER D 255 5.51 10.68 13.00
C SER D 255 5.14 11.52 14.21
N ALA D 256 3.87 11.55 14.60
CA ALA D 256 3.42 12.26 15.80
C ALA D 256 4.15 11.79 17.05
N ALA D 257 4.43 10.51 17.17
CA ALA D 257 5.20 10.03 18.36
C ALA D 257 6.61 10.60 18.37
N GLU D 258 7.05 11.21 17.28
CA GLU D 258 8.44 11.61 17.20
C GLU D 258 8.70 13.05 17.61
N TYR D 259 7.66 13.82 17.89
CA TYR D 259 7.82 15.19 18.36
C TYR D 259 7.65 15.28 19.87
N ASN D 260 8.38 16.17 20.52
CA ASN D 260 8.10 16.50 21.94
C ASN D 260 7.06 17.62 22.02
N TRP D 261 5.78 17.25 21.86
CA TRP D 261 4.68 18.23 21.73
C TRP D 261 4.51 19.19 22.91
N ASP D 262 4.84 18.76 24.11
CA ASP D 262 4.64 19.65 25.25
C ASP D 262 5.56 20.83 25.18
N ASN D 263 6.81 20.58 24.79
CA ASN D 263 7.75 21.63 24.44
C ASN D 263 7.28 22.40 23.21
#